data_2XGZ
#
_entry.id   2XGZ
#
_cell.length_a   62.380
_cell.length_b   63.050
_cell.length_c   64.430
_cell.angle_alpha   73.01
_cell.angle_beta   79.28
_cell.angle_gamma   81.22
#
_symmetry.space_group_name_H-M   'P 1'
#
loop_
_entity.id
_entity.type
_entity.pdbx_description
1 polymer 'ENOLASE 1'
2 non-polymer 'MAGNESIUM ION'
3 non-polymer PHOSPHOENOLPYRUVATE
4 water water
#
_entity_poly.entity_id   1
_entity_poly.type   'polypeptide(L)'
_entity_poly.pdbx_seq_one_letter_code
;AVSKVYARSVYDSRGNPTVEVELTTEKGVFRSIVPSGANTGVHEALEMRDGDKSKWMGKGVLHAVKNVNDVIAPAFVKAN
IDVKDQKAVDDFLISLDGTANKSKLGANAILGVSLAASRAAAAEKNVPLYKHLADLSKSKTSPYVLPVPFLNVLNGGSHA
GGALALQEFMIAPTGAKTFAEALRIGSEVYHNLKSLTKKRYGASAGNVGDEGGVAPNIQTAEEALDLIVDAIKAAGHDGK
IKIGLDCASSEFFKDGKYDLDFKNPNSDKSKWLTGPQLADLYHSLMKRYPIVSIEDPFAEDDWEAWSHFFKTAGIQIVAD
RLTVTNPKRIATAIEKKAADALLLKVNQIGTLSESIKAAQDSFAAGWGVMVSHRSGETEDTFIADLVVGLRTGQIKTGAP
ARSERLAKLNQLLRIEEELGDNAVFAGENFHHGDKLLHHHHHH
;
_entity_poly.pdbx_strand_id   A,B
#
loop_
_chem_comp.id
_chem_comp.type
_chem_comp.name
_chem_comp.formula
MG non-polymer 'MAGNESIUM ION' 'Mg 2'
PEP non-polymer PHOSPHOENOLPYRUVATE 'C3 H5 O6 P'
#
# COMPACT_ATOMS: atom_id res chain seq x y z
N ALA A 1 8.60 23.89 -23.58
CA ALA A 1 7.77 22.67 -23.31
C ALA A 1 7.63 22.41 -21.81
N VAL A 2 8.74 22.23 -21.10
CA VAL A 2 8.69 22.07 -19.63
C VAL A 2 8.54 23.45 -18.97
N SER A 3 7.42 23.68 -18.32
CA SER A 3 7.12 25.01 -17.81
C SER A 3 7.35 25.10 -16.31
N LYS A 4 7.36 23.96 -15.61
CA LYS A 4 7.50 23.94 -14.17
C LYS A 4 8.01 22.59 -13.69
N VAL A 5 8.85 22.64 -12.66
CA VAL A 5 9.33 21.47 -11.96
C VAL A 5 9.10 21.75 -10.48
N TYR A 6 8.53 20.79 -9.76
CA TYR A 6 8.14 21.05 -8.39
C TYR A 6 8.33 19.79 -7.59
N ALA A 7 8.77 19.92 -6.34
CA ALA A 7 8.92 18.75 -5.46
C ALA A 7 8.19 18.97 -4.14
N ARG A 8 7.71 17.88 -3.54
CA ARG A 8 7.10 17.93 -2.21
C ARG A 8 7.50 16.68 -1.43
N SER A 9 7.32 16.72 -0.11
CA SER A 9 7.46 15.54 0.73
CA SER A 9 7.46 15.54 0.72
C SER A 9 6.14 14.78 0.75
N VAL A 10 6.23 13.46 0.58
CA VAL A 10 5.07 12.56 0.76
C VAL A 10 5.58 11.37 1.57
N TYR A 11 4.69 10.44 1.90
CA TYR A 11 5.07 9.31 2.73
C TYR A 11 5.17 8.01 1.95
N ASP A 12 6.25 7.29 2.18
CA ASP A 12 6.41 5.93 1.66
C ASP A 12 5.65 4.90 2.50
N SER A 13 5.73 3.65 2.07
CA SER A 13 4.98 2.54 2.66
C SER A 13 5.36 2.15 4.09
N ARG A 14 6.51 2.64 4.57
CA ARG A 14 6.92 2.49 5.97
C ARG A 14 6.57 3.72 6.81
N GLY A 15 6.03 4.75 6.17
CA GLY A 15 5.68 5.98 6.88
C GLY A 15 6.84 6.94 7.06
N ASN A 16 7.87 6.81 6.22
CA ASN A 16 8.95 7.79 6.16
C ASN A 16 8.81 8.70 4.95
N PRO A 17 9.20 9.97 5.10
CA PRO A 17 9.08 10.87 3.96
C PRO A 17 9.99 10.46 2.81
N THR A 18 9.51 10.79 1.61
CA THR A 18 10.30 10.70 0.43
C THR A 18 9.90 11.80 -0.54
N VAL A 19 10.62 11.88 -1.65
CA VAL A 19 10.52 12.98 -2.58
C VAL A 19 9.55 12.63 -3.70
N GLU A 20 8.61 13.53 -3.94
CA GLU A 20 7.70 13.44 -5.06
C GLU A 20 7.94 14.63 -5.98
N VAL A 21 8.07 14.35 -7.27
CA VAL A 21 8.35 15.41 -8.23
C VAL A 21 7.21 15.52 -9.22
N GLU A 22 6.83 16.76 -9.52
CA GLU A 22 5.91 17.04 -10.61
C GLU A 22 6.55 17.89 -11.68
N LEU A 23 6.40 17.44 -12.92
CA LEU A 23 6.89 18.16 -14.06
C LEU A 23 5.69 18.56 -14.91
N THR A 24 5.63 19.84 -15.27
CA THR A 24 4.52 20.36 -16.06
C THR A 24 4.94 20.67 -17.50
N THR A 25 4.16 20.19 -18.46
CA THR A 25 4.35 20.53 -19.87
C THR A 25 2.99 20.94 -20.45
N GLU A 26 2.93 21.16 -21.75
CA GLU A 26 1.66 21.39 -22.44
C GLU A 26 0.67 20.21 -22.35
N LYS A 27 1.19 19.00 -22.09
CA LYS A 27 0.35 17.81 -22.00
C LYS A 27 -0.21 17.59 -20.59
N GLY A 28 0.23 18.40 -19.63
CA GLY A 28 -0.26 18.33 -18.26
C GLY A 28 0.84 18.22 -17.21
N VAL A 29 0.54 17.53 -16.13
CA VAL A 29 1.44 17.46 -14.96
C VAL A 29 1.81 16.00 -14.71
N PHE A 30 3.10 15.71 -14.59
CA PHE A 30 3.58 14.32 -14.55
C PHE A 30 4.34 14.07 -13.27
N ARG A 31 3.84 13.08 -12.53
CA ARG A 31 4.27 12.86 -11.16
C ARG A 31 5.14 11.59 -11.02
N SER A 32 6.24 11.71 -10.31
CA SER A 32 7.10 10.57 -9.99
C SER A 32 7.45 10.59 -8.51
N ILE A 33 7.51 9.42 -7.89
CA ILE A 33 7.84 9.32 -6.48
C ILE A 33 9.04 8.42 -6.30
N VAL A 34 9.96 8.84 -5.43
CA VAL A 34 11.23 8.15 -5.26
C VAL A 34 11.08 7.12 -4.14
N PRO A 35 11.45 5.85 -4.41
CA PRO A 35 11.38 4.81 -3.38
C PRO A 35 12.60 4.85 -2.46
N SER A 36 12.60 4.04 -1.41
CA SER A 36 13.69 4.07 -0.45
C SER A 36 13.99 2.69 0.14
N GLY A 37 15.24 2.22 0.05
CA GLY A 37 15.62 0.97 0.66
C GLY A 37 15.99 1.09 2.15
N ALA A 38 16.16 -0.04 2.81
CA ALA A 38 16.69 -0.07 4.18
C ALA A 38 18.07 -0.69 4.13
N ASN A 39 18.96 -0.30 5.04
CA ASN A 39 20.33 -0.85 5.03
C ASN A 39 20.93 -0.85 3.63
N THR A 40 20.89 0.33 3.02
CA THR A 40 21.29 0.49 1.63
C THR A 40 22.76 0.11 1.41
N GLY A 41 23.08 -0.42 0.24
CA GLY A 41 24.45 -0.83 -0.08
C GLY A 41 25.40 0.34 0.06
N VAL A 42 26.64 0.06 0.50
CA VAL A 42 27.65 1.11 0.63
C VAL A 42 27.93 1.85 -0.67
N HIS A 43 27.66 1.21 -1.81
CA HIS A 43 27.95 1.81 -3.10
C HIS A 43 26.75 2.47 -3.80
N GLU A 44 25.58 2.49 -3.14
CA GLU A 44 24.42 3.18 -3.70
C GLU A 44 24.65 4.68 -3.79
N ALA A 45 24.11 5.29 -4.86
CA ALA A 45 24.01 6.75 -4.98
C ALA A 45 23.34 7.30 -3.71
N LEU A 46 23.75 8.50 -3.30
CA LEU A 46 23.29 9.07 -2.03
C LEU A 46 21.80 9.39 -1.96
N GLU A 47 21.12 8.77 -1.00
CA GLU A 47 19.79 9.19 -0.63
C GLU A 47 19.98 10.24 0.45
N MET A 48 19.65 11.49 0.12
CA MET A 48 19.85 12.61 1.04
C MET A 48 18.72 12.72 2.08
N ARG A 49 19.08 12.58 3.36
CA ARG A 49 18.19 12.76 4.50
C ARG A 49 18.61 13.97 5.31
N ASP A 50 17.66 14.58 6.01
CA ASP A 50 17.93 15.81 6.78
C ASP A 50 18.74 15.56 8.05
N GLY A 51 18.56 14.41 8.68
CA GLY A 51 19.25 14.13 9.95
C GLY A 51 18.84 15.02 11.12
N ASP A 52 17.68 15.69 11.01
CA ASP A 52 17.14 16.46 12.11
C ASP A 52 16.30 15.53 13.02
N LYS A 53 16.88 15.14 14.16
CA LYS A 53 16.21 14.18 15.04
C LYS A 53 14.84 14.66 15.57
N SER A 54 14.61 15.96 15.51
CA SER A 54 13.36 16.54 15.99
C SER A 54 12.23 16.53 14.94
N LYS A 55 12.53 16.00 13.76
CA LYS A 55 11.57 15.91 12.67
C LYS A 55 11.73 14.58 11.96
N TRP A 56 10.63 13.83 11.86
CA TRP A 56 10.59 12.56 11.14
C TRP A 56 11.66 11.52 11.54
N MET A 57 12.01 11.48 12.82
CA MET A 57 13.03 10.53 13.34
C MET A 57 14.39 10.74 12.66
N GLY A 58 14.62 11.96 12.18
CA GLY A 58 15.84 12.27 11.45
C GLY A 58 15.78 11.96 9.97
N LYS A 59 14.59 11.62 9.48
CA LYS A 59 14.47 11.06 8.13
C LYS A 59 13.81 12.00 7.13
N GLY A 60 13.76 13.29 7.46
CA GLY A 60 13.16 14.28 6.56
C GLY A 60 13.88 14.34 5.22
N VAL A 61 13.18 14.79 4.18
CA VAL A 61 13.80 14.99 2.87
C VAL A 61 13.69 16.45 2.40
N LEU A 62 13.59 17.39 3.35
CA LEU A 62 13.47 18.83 3.06
C LEU A 62 14.62 19.37 2.22
N HIS A 63 15.84 18.90 2.50
CA HIS A 63 17.02 19.37 1.78
C HIS A 63 16.97 18.88 0.33
N ALA A 64 16.58 17.62 0.12
CA ALA A 64 16.41 17.07 -1.24
C ALA A 64 15.31 17.76 -2.01
N VAL A 65 14.18 17.99 -1.33
CA VAL A 65 13.05 18.72 -1.91
C VAL A 65 13.47 20.14 -2.30
N LYS A 66 14.21 20.79 -1.40
CA LYS A 66 14.72 22.14 -1.67
C LYS A 66 15.70 22.16 -2.86
N ASN A 67 16.52 21.11 -2.99
CA ASN A 67 17.40 20.93 -4.14
C ASN A 67 16.63 20.85 -5.45
N VAL A 68 15.47 20.18 -5.45
CA VAL A 68 14.61 20.20 -6.63
C VAL A 68 14.01 21.60 -6.84
N ASN A 69 13.37 22.15 -5.81
CA ASN A 69 12.66 23.44 -5.97
C ASN A 69 13.53 24.64 -6.28
N ASP A 70 14.66 24.73 -5.59
CA ASP A 70 15.51 25.91 -5.63
C ASP A 70 16.72 25.77 -6.54
N VAL A 71 17.06 24.55 -6.92
CA VAL A 71 18.29 24.36 -7.69
C VAL A 71 18.00 23.76 -9.06
N ILE A 72 17.50 22.52 -9.08
CA ILE A 72 17.20 21.85 -10.33
C ILE A 72 16.11 22.58 -11.15
N ALA A 73 14.99 22.91 -10.51
CA ALA A 73 13.83 23.44 -11.23
C ALA A 73 14.14 24.65 -12.11
N PRO A 74 14.68 25.74 -11.52
CA PRO A 74 14.90 26.90 -12.40
C PRO A 74 15.93 26.67 -13.52
N ALA A 75 16.98 25.90 -13.25
CA ALA A 75 17.97 25.55 -14.29
C ALA A 75 17.35 24.68 -15.39
N PHE A 76 16.55 23.69 -14.98
CA PHE A 76 15.91 22.75 -15.89
C PHE A 76 14.89 23.44 -16.80
N VAL A 77 14.05 24.28 -16.22
CA VAL A 77 13.05 25.01 -17.00
C VAL A 77 13.73 25.93 -18.02
N LYS A 78 14.87 26.51 -17.63
CA LYS A 78 15.62 27.42 -18.50
C LYS A 78 16.59 26.73 -19.46
N ALA A 79 16.68 25.40 -19.41
CA ALA A 79 17.62 24.68 -20.26
C ALA A 79 16.99 24.28 -21.58
N ASN A 80 15.68 24.46 -21.69
CA ASN A 80 14.91 24.17 -22.90
C ASN A 80 15.09 22.72 -23.35
N ILE A 81 14.92 21.79 -22.42
CA ILE A 81 15.26 20.39 -22.70
C ILE A 81 14.12 19.66 -23.42
N ASP A 82 14.47 18.87 -24.43
CA ASP A 82 13.54 17.95 -25.05
C ASP A 82 13.37 16.71 -24.16
N VAL A 83 12.24 16.60 -23.47
CA VAL A 83 12.00 15.46 -22.58
C VAL A 83 12.02 14.08 -23.24
N LYS A 84 11.80 14.05 -24.55
CA LYS A 84 11.85 12.78 -25.28
C LYS A 84 13.28 12.25 -25.35
N ASP A 85 14.25 13.17 -25.25
CA ASP A 85 15.66 12.81 -25.21
C ASP A 85 16.10 12.56 -23.76
N GLN A 86 15.87 11.34 -23.28
CA GLN A 86 16.14 11.01 -21.88
C GLN A 86 17.61 11.18 -21.55
N LYS A 87 18.45 10.82 -22.52
CA LYS A 87 19.90 10.96 -22.36
C LYS A 87 20.28 12.42 -22.11
N ALA A 88 19.66 13.36 -22.83
CA ALA A 88 19.92 14.78 -22.60
C ALA A 88 19.37 15.22 -21.24
N VAL A 89 18.19 14.73 -20.86
CA VAL A 89 17.61 15.08 -19.56
C VAL A 89 18.60 14.73 -18.47
N ASP A 90 19.10 13.50 -18.54
CA ASP A 90 19.95 12.96 -17.51
C ASP A 90 21.38 13.50 -17.54
N ASP A 91 21.90 13.78 -18.74
CA ASP A 91 23.19 14.47 -18.87
C ASP A 91 23.14 15.83 -18.19
N PHE A 92 22.03 16.55 -18.36
CA PHE A 92 21.85 17.86 -17.72
C PHE A 92 21.82 17.72 -16.18
N LEU A 93 21.03 16.77 -15.67
CA LEU A 93 20.90 16.58 -14.22
C LEU A 93 22.23 16.19 -13.57
N ILE A 94 22.90 15.20 -14.15
CA ILE A 94 24.20 14.73 -13.70
C ILE A 94 25.24 15.87 -13.70
N SER A 95 25.20 16.73 -14.72
CA SER A 95 26.20 17.82 -14.82
CA SER A 95 26.19 17.83 -14.82
C SER A 95 25.99 18.89 -13.75
N LEU A 96 24.75 19.09 -13.33
CA LEU A 96 24.47 20.04 -12.25
C LEU A 96 25.07 19.55 -10.96
N ASP A 97 24.85 18.28 -10.67
CA ASP A 97 25.28 17.70 -9.41
C ASP A 97 26.81 17.63 -9.34
N GLY A 98 27.42 17.12 -10.41
CA GLY A 98 28.88 17.09 -10.53
C GLY A 98 29.63 16.12 -9.64
N THR A 99 28.93 15.22 -8.93
CA THR A 99 29.59 14.24 -8.07
C THR A 99 29.30 12.80 -8.54
N ALA A 100 30.26 11.91 -8.34
CA ALA A 100 30.14 10.51 -8.74
C ALA A 100 28.92 9.83 -8.12
N ASN A 101 28.68 10.11 -6.85
CA ASN A 101 27.59 9.46 -6.10
C ASN A 101 26.35 10.33 -5.88
N LYS A 102 26.24 11.41 -6.65
CA LYS A 102 25.11 12.32 -6.56
C LYS A 102 24.90 12.86 -5.13
N SER A 103 25.99 13.12 -4.42
CA SER A 103 25.93 13.59 -3.04
C SER A 103 25.74 15.10 -2.89
N LYS A 104 25.91 15.85 -3.97
CA LYS A 104 25.66 17.29 -3.93
C LYS A 104 24.16 17.60 -3.87
N LEU A 105 23.39 16.98 -4.78
CA LEU A 105 21.96 17.24 -4.88
C LEU A 105 21.10 16.16 -4.23
N GLY A 106 21.65 14.94 -4.17
CA GLY A 106 20.90 13.78 -3.69
C GLY A 106 20.33 13.01 -4.87
N ALA A 107 20.53 11.69 -4.87
CA ALA A 107 19.92 10.83 -5.87
C ALA A 107 18.40 10.92 -5.80
N ASN A 108 17.88 11.14 -4.60
CA ASN A 108 16.45 11.31 -4.43
C ASN A 108 15.93 12.70 -4.84
N ALA A 109 16.81 13.60 -5.25
CA ALA A 109 16.36 14.85 -5.86
C ALA A 109 16.39 14.70 -7.38
N ILE A 110 17.46 14.08 -7.87
CA ILE A 110 17.68 13.86 -9.29
C ILE A 110 16.70 12.85 -9.94
N LEU A 111 16.50 11.71 -9.28
CA LEU A 111 15.65 10.64 -9.86
C LEU A 111 14.23 11.05 -10.17
N GLY A 112 13.59 11.80 -9.27
CA GLY A 112 12.21 12.19 -9.50
C GLY A 112 12.06 13.03 -10.77
N VAL A 113 13.01 13.90 -11.05
CA VAL A 113 12.97 14.70 -12.29
C VAL A 113 13.21 13.78 -13.49
N SER A 114 14.21 12.94 -13.37
CA SER A 114 14.53 11.93 -14.41
C SER A 114 13.30 11.10 -14.82
N LEU A 115 12.58 10.58 -13.83
CA LEU A 115 11.43 9.74 -14.08
C LEU A 115 10.22 10.48 -14.63
N ALA A 116 9.89 11.60 -14.01
CA ALA A 116 8.81 12.47 -14.45
C ALA A 116 8.99 12.93 -15.89
N ALA A 117 10.24 13.19 -16.28
CA ALA A 117 10.56 13.60 -17.64
C ALA A 117 10.13 12.51 -18.62
N SER A 118 10.41 11.25 -18.30
CA SER A 118 10.00 10.15 -19.19
C SER A 118 8.49 10.01 -19.28
N ARG A 119 7.78 10.32 -18.19
CA ARG A 119 6.32 10.33 -18.20
C ARG A 119 5.75 11.44 -19.09
N ALA A 120 6.35 12.62 -19.01
CA ALA A 120 5.98 13.75 -19.87
C ALA A 120 6.23 13.42 -21.35
N ALA A 121 7.34 12.72 -21.60
CA ALA A 121 7.73 12.33 -22.97
C ALA A 121 6.75 11.32 -23.58
N ALA A 122 6.37 10.29 -22.83
CA ALA A 122 5.34 9.38 -23.30
C ALA A 122 4.04 10.13 -23.66
N ALA A 123 3.65 11.12 -22.85
CA ALA A 123 2.44 11.87 -23.16
C ALA A 123 2.61 12.69 -24.42
N GLU A 124 3.77 13.32 -24.60
CA GLU A 124 4.06 14.08 -25.83
C GLU A 124 3.95 13.17 -27.05
N LYS A 125 4.45 11.94 -26.92
CA LYS A 125 4.43 10.98 -28.01
C LYS A 125 3.06 10.30 -28.16
N ASN A 126 2.16 10.56 -27.22
CA ASN A 126 0.84 9.95 -27.18
C ASN A 126 0.96 8.41 -27.13
N VAL A 127 1.90 7.92 -26.33
CA VAL A 127 2.11 6.47 -26.16
C VAL A 127 2.07 6.11 -24.68
N PRO A 128 1.64 4.89 -24.33
CA PRO A 128 1.74 4.52 -22.92
C PRO A 128 3.21 4.48 -22.51
N LEU A 129 3.47 4.63 -21.22
CA LEU A 129 4.84 4.75 -20.74
C LEU A 129 5.74 3.57 -21.18
N TYR A 130 5.23 2.33 -21.07
CA TYR A 130 6.05 1.18 -21.45
C TYR A 130 6.49 1.22 -22.91
N LYS A 131 5.70 1.82 -23.78
CA LYS A 131 6.08 1.91 -25.19
C LYS A 131 7.23 2.89 -25.34
N HIS A 132 7.16 3.98 -24.59
CA HIS A 132 8.21 4.99 -24.63
C HIS A 132 9.51 4.44 -24.05
N LEU A 133 9.38 3.69 -22.95
CA LEU A 133 10.54 3.06 -22.31
C LEU A 133 11.20 1.99 -23.20
N ALA A 134 10.39 1.26 -23.98
CA ALA A 134 10.95 0.34 -24.98
C ALA A 134 11.71 1.10 -26.06
N ASP A 135 11.22 2.29 -26.44
CA ASP A 135 11.92 3.19 -27.37
C ASP A 135 13.28 3.62 -26.83
N LEU A 136 13.28 4.14 -25.60
CA LEU A 136 14.52 4.54 -24.93
C LEU A 136 15.55 3.41 -24.83
N SER A 137 15.09 2.19 -24.63
CA SER A 137 16.01 1.09 -24.40
C SER A 137 16.32 0.28 -25.66
N LYS A 138 15.65 0.63 -26.77
CA LYS A 138 15.80 -0.08 -28.05
C LYS A 138 15.44 -1.57 -27.97
N SER A 139 14.51 -1.91 -27.09
CA SER A 139 14.05 -3.29 -26.97
CA SER A 139 14.04 -3.28 -26.96
C SER A 139 13.11 -3.68 -28.13
N LYS A 140 13.09 -4.96 -28.46
CA LYS A 140 12.20 -5.51 -29.50
C LYS A 140 10.74 -5.43 -29.07
N THR A 141 9.87 -4.98 -29.96
CA THR A 141 8.46 -4.75 -29.61
C THR A 141 7.45 -5.60 -30.39
N SER A 142 7.89 -6.77 -30.87
CA SER A 142 7.01 -7.69 -31.56
C SER A 142 7.43 -9.14 -31.30
N PRO A 143 7.03 -9.72 -30.15
CA PRO A 143 6.13 -9.11 -29.19
C PRO A 143 6.86 -8.38 -28.06
N TYR A 144 6.10 -7.64 -27.27
CA TYR A 144 6.51 -7.21 -25.95
C TYR A 144 6.46 -8.43 -25.06
N VAL A 145 7.20 -8.37 -23.93
CA VAL A 145 7.28 -9.47 -22.98
C VAL A 145 6.77 -9.04 -21.58
N LEU A 146 5.84 -9.81 -21.04
CA LEU A 146 5.32 -9.62 -19.68
C LEU A 146 6.14 -10.45 -18.70
N PRO A 147 6.47 -9.87 -17.52
CA PRO A 147 7.38 -10.50 -16.56
C PRO A 147 6.78 -11.60 -15.71
N VAL A 148 7.59 -12.60 -15.35
CA VAL A 148 7.25 -13.45 -14.21
C VAL A 148 7.36 -12.58 -12.96
N PRO A 149 6.28 -12.50 -12.16
CA PRO A 149 6.45 -11.82 -10.87
C PRO A 149 7.10 -12.72 -9.82
N PHE A 150 8.18 -12.25 -9.21
CA PHE A 150 8.80 -12.93 -8.09
C PHE A 150 8.17 -12.35 -6.82
N LEU A 151 7.23 -13.10 -6.26
CA LEU A 151 6.39 -12.61 -5.18
C LEU A 151 6.96 -12.95 -3.82
N ASN A 152 7.28 -11.92 -3.05
CA ASN A 152 7.75 -12.12 -1.70
C ASN A 152 6.63 -12.81 -0.92
N VAL A 153 6.92 -13.94 -0.27
CA VAL A 153 5.85 -14.58 0.49
C VAL A 153 6.24 -14.73 1.95
N LEU A 154 7.54 -14.77 2.21
CA LEU A 154 8.00 -15.00 3.56
C LEU A 154 9.28 -14.23 3.81
N ASN A 155 9.30 -13.57 4.95
CA ASN A 155 10.38 -12.68 5.32
C ASN A 155 11.21 -13.20 6.50
N GLY A 156 12.54 -13.12 6.32
CA GLY A 156 13.50 -13.44 7.37
C GLY A 156 14.56 -12.37 7.53
N GLY A 157 15.69 -12.74 8.14
CA GLY A 157 16.81 -11.82 8.32
C GLY A 157 16.59 -10.71 9.34
N SER A 158 17.13 -9.53 9.03
CA SER A 158 17.20 -8.38 9.95
C SER A 158 15.84 -8.01 10.53
N HIS A 159 14.89 -7.69 9.65
CA HIS A 159 13.53 -7.44 10.05
C HIS A 159 12.79 -8.79 10.10
N ALA A 160 12.99 -9.49 11.22
CA ALA A 160 12.30 -10.72 11.56
C ALA A 160 12.87 -11.22 12.88
N GLY A 161 12.02 -11.77 13.73
CA GLY A 161 12.49 -12.55 14.87
C GLY A 161 13.00 -13.88 14.35
N GLY A 162 13.20 -14.83 15.27
CA GLY A 162 13.71 -16.15 14.90
C GLY A 162 15.15 -16.12 14.45
N ALA A 163 15.72 -17.29 14.17
CA ALA A 163 17.12 -17.39 13.80
C ALA A 163 17.35 -17.48 12.29
N LEU A 164 16.27 -17.37 11.51
CA LEU A 164 16.33 -17.45 10.06
C LEU A 164 17.17 -16.31 9.46
N ALA A 165 18.32 -16.68 8.89
CA ALA A 165 19.29 -15.70 8.41
C ALA A 165 18.92 -15.05 7.08
N LEU A 166 18.42 -15.86 6.14
CA LEU A 166 18.09 -15.39 4.79
C LEU A 166 16.87 -14.49 4.81
N GLN A 167 16.92 -13.40 4.04
CA GLN A 167 15.96 -12.30 4.12
C GLN A 167 14.62 -12.44 3.36
N GLU A 168 14.65 -12.85 2.10
CA GLU A 168 13.44 -12.93 1.28
C GLU A 168 13.28 -14.32 0.67
N PHE A 169 12.06 -14.86 0.77
CA PHE A 169 11.69 -16.07 0.03
C PHE A 169 10.57 -15.68 -0.90
N MET A 170 10.79 -15.88 -2.19
CA MET A 170 9.82 -15.49 -3.19
C MET A 170 9.30 -16.71 -3.92
N ILE A 171 8.07 -16.58 -4.44
CA ILE A 171 7.55 -17.57 -5.37
C ILE A 171 7.43 -16.96 -6.77
N ALA A 172 7.70 -17.78 -7.77
CA ALA A 172 7.73 -17.36 -9.15
C ALA A 172 6.87 -18.35 -9.94
N PRO A 173 5.66 -17.91 -10.33
CA PRO A 173 4.75 -18.76 -11.12
C PRO A 173 5.16 -18.83 -12.59
N THR A 174 6.32 -19.42 -12.85
CA THR A 174 6.82 -19.59 -14.21
C THR A 174 5.95 -20.52 -15.08
N GLY A 175 5.13 -21.38 -14.44
CA GLY A 175 4.31 -22.37 -15.16
C GLY A 175 3.00 -21.83 -15.70
N ALA A 176 2.66 -20.60 -15.29
CA ALA A 176 1.49 -19.90 -15.80
C ALA A 176 1.64 -19.57 -17.28
N LYS A 177 0.52 -19.43 -17.96
CA LYS A 177 0.49 -19.16 -19.39
C LYS A 177 0.35 -17.67 -19.69
N THR A 178 -0.15 -16.91 -18.71
CA THR A 178 -0.30 -15.45 -18.85
C THR A 178 0.10 -14.78 -17.55
N PHE A 179 0.31 -13.46 -17.59
CA PHE A 179 0.60 -12.72 -16.37
C PHE A 179 -0.60 -12.79 -15.40
N ALA A 180 -1.80 -12.58 -15.93
CA ALA A 180 -3.01 -12.65 -15.11
C ALA A 180 -3.08 -13.98 -14.36
N GLU A 181 -2.80 -15.07 -15.07
CA GLU A 181 -2.87 -16.38 -14.43
C GLU A 181 -1.78 -16.49 -13.36
N ALA A 182 -0.59 -15.99 -13.69
CA ALA A 182 0.55 -16.04 -12.78
C ALA A 182 0.22 -15.35 -11.47
N LEU A 183 -0.33 -14.14 -11.57
CA LEU A 183 -0.73 -13.38 -10.39
C LEU A 183 -1.88 -14.03 -9.61
N ARG A 184 -2.87 -14.61 -10.31
CA ARG A 184 -3.92 -15.38 -9.62
C ARG A 184 -3.36 -16.56 -8.82
N ILE A 185 -2.60 -17.42 -9.48
CA ILE A 185 -2.07 -18.62 -8.80
C ILE A 185 -1.06 -18.25 -7.70
N GLY A 186 -0.29 -17.18 -7.93
CA GLY A 186 0.57 -16.62 -6.89
C GLY A 186 -0.21 -16.17 -5.68
N SER A 187 -1.27 -15.40 -5.91
CA SER A 187 -2.09 -14.91 -4.79
C SER A 187 -2.68 -16.06 -3.99
N GLU A 188 -3.07 -17.12 -4.68
CA GLU A 188 -3.65 -18.29 -4.04
C GLU A 188 -2.62 -19.02 -3.16
N VAL A 189 -1.38 -19.11 -3.62
CA VAL A 189 -0.31 -19.66 -2.76
C VAL A 189 -0.14 -18.77 -1.52
N TYR A 190 -0.17 -17.46 -1.73
CA TYR A 190 -0.02 -16.51 -0.62
C TYR A 190 -1.09 -16.70 0.46
N HIS A 191 -2.35 -16.84 0.06
CA HIS A 191 -3.43 -17.02 1.02
C HIS A 191 -3.32 -18.35 1.76
N ASN A 192 -2.95 -19.41 1.05
CA ASN A 192 -2.70 -20.71 1.68
C ASN A 192 -1.57 -20.62 2.69
N LEU A 193 -0.49 -19.95 2.32
CA LEU A 193 0.64 -19.72 3.22
C LEU A 193 0.25 -18.93 4.45
N LYS A 194 -0.53 -17.87 4.28
CA LYS A 194 -0.97 -17.07 5.43
C LYS A 194 -1.80 -17.92 6.37
N SER A 195 -2.69 -18.72 5.79
CA SER A 195 -3.53 -19.65 6.54
C SER A 195 -2.66 -20.70 7.30
N LEU A 196 -1.77 -21.38 6.60
CA LEU A 196 -0.82 -22.33 7.23
C LEU A 196 0.01 -21.70 8.34
N THR A 197 0.50 -20.48 8.10
CA THR A 197 1.35 -19.77 9.05
C THR A 197 0.61 -19.44 10.34
N LYS A 198 -0.64 -18.98 10.23
CA LYS A 198 -1.44 -18.63 11.41
C LYS A 198 -1.81 -19.87 12.23
N LYS A 199 -2.06 -20.98 11.55
CA LYS A 199 -2.37 -22.26 12.17
C LYS A 199 -1.15 -22.84 12.92
N ARG A 200 0.02 -22.75 12.29
CA ARG A 200 1.23 -23.34 12.85
C ARG A 200 1.98 -22.46 13.85
N TYR A 201 1.90 -21.13 13.68
CA TYR A 201 2.72 -20.18 14.46
C TYR A 201 1.91 -19.23 15.31
N GLY A 202 0.58 -19.24 15.14
CA GLY A 202 -0.30 -18.34 15.87
C GLY A 202 -0.72 -17.15 15.04
N ALA A 203 -1.85 -16.57 15.41
CA ALA A 203 -2.45 -15.43 14.70
C ALA A 203 -1.50 -14.27 14.36
N SER A 204 -0.53 -13.98 15.23
CA SER A 204 0.37 -12.83 15.02
C SER A 204 1.48 -13.02 13.98
N ALA A 205 1.86 -14.27 13.71
CA ALA A 205 2.87 -14.58 12.69
C ALA A 205 2.28 -14.40 11.29
N GLY A 206 0.95 -14.28 11.24
CA GLY A 206 0.20 -13.97 10.01
C GLY A 206 0.28 -12.52 9.59
N ASN A 207 0.70 -11.64 10.51
CA ASN A 207 0.97 -10.24 10.14
C ASN A 207 2.19 -10.14 9.24
N VAL A 208 2.34 -9.01 8.55
CA VAL A 208 3.29 -8.93 7.45
C VAL A 208 4.47 -8.02 7.71
N GLY A 209 5.57 -8.27 7.02
CA GLY A 209 6.75 -7.42 7.06
C GLY A 209 6.58 -6.27 6.07
N ASP A 210 7.63 -5.49 5.87
CA ASP A 210 7.58 -4.27 5.05
C ASP A 210 7.11 -4.52 3.60
N GLU A 211 7.48 -5.67 3.03
CA GLU A 211 7.13 -5.98 1.63
C GLU A 211 5.88 -6.87 1.48
N GLY A 212 5.21 -7.16 2.60
CA GLY A 212 3.92 -7.83 2.59
C GLY A 212 3.97 -9.34 2.79
N GLY A 213 5.17 -9.90 2.87
CA GLY A 213 5.33 -11.33 3.21
C GLY A 213 5.02 -11.55 4.67
N VAL A 214 4.63 -12.77 5.04
CA VAL A 214 4.53 -13.12 6.45
C VAL A 214 5.93 -13.21 7.04
N ALA A 215 6.05 -12.92 8.33
CA ALA A 215 7.32 -12.99 9.04
C ALA A 215 7.20 -13.72 10.40
N PRO A 216 6.96 -15.05 10.36
CA PRO A 216 6.96 -15.83 11.61
C PRO A 216 8.37 -16.03 12.20
N ASN A 217 8.46 -16.39 13.48
CA ASN A 217 9.74 -16.75 14.10
C ASN A 217 10.18 -18.15 13.63
N ILE A 218 10.92 -18.17 12.54
CA ILE A 218 11.38 -19.41 11.92
C ILE A 218 12.85 -19.66 12.25
N GLN A 219 13.19 -20.93 12.47
CA GLN A 219 14.54 -21.30 12.90
C GLN A 219 15.52 -21.43 11.76
N THR A 220 15.09 -22.03 10.65
CA THR A 220 15.99 -22.33 9.54
C THR A 220 15.38 -22.05 8.16
N ALA A 221 16.24 -22.06 7.14
CA ALA A 221 15.84 -21.91 5.74
C ALA A 221 14.97 -23.07 5.29
N GLU A 222 15.32 -24.28 5.74
CA GLU A 222 14.55 -25.49 5.47
C GLU A 222 13.13 -25.44 6.03
N GLU A 223 12.97 -24.93 7.24
CA GLU A 223 11.63 -24.74 7.83
C GLU A 223 10.78 -23.78 6.97
N ALA A 224 11.35 -22.65 6.60
CA ALA A 224 10.69 -21.68 5.72
C ALA A 224 10.32 -22.31 4.38
N LEU A 225 11.25 -23.05 3.79
CA LEU A 225 11.05 -23.63 2.47
C LEU A 225 10.05 -24.76 2.47
N ASP A 226 10.05 -25.56 3.53
CA ASP A 226 9.04 -26.61 3.71
C ASP A 226 7.65 -25.98 3.86
N LEU A 227 7.56 -24.89 4.59
CA LEU A 227 6.29 -24.16 4.72
C LEU A 227 5.75 -23.65 3.36
N ILE A 228 6.65 -23.10 2.53
CA ILE A 228 6.30 -22.62 1.19
C ILE A 228 5.86 -23.76 0.25
N VAL A 229 6.59 -24.86 0.26
CA VAL A 229 6.21 -26.03 -0.56
C VAL A 229 4.80 -26.49 -0.16
N ASP A 230 4.54 -26.52 1.14
CA ASP A 230 3.20 -26.86 1.66
C ASP A 230 2.10 -25.95 1.12
N ALA A 231 2.41 -24.66 1.01
CA ALA A 231 1.44 -23.67 0.52
C ALA A 231 1.18 -23.85 -0.97
N ILE A 232 2.23 -24.15 -1.72
CA ILE A 232 2.14 -24.43 -3.15
C ILE A 232 1.27 -25.69 -3.42
N LYS A 233 1.58 -26.77 -2.71
CA LYS A 233 0.77 -28.00 -2.76
C LYS A 233 -0.69 -27.77 -2.38
N ALA A 234 -0.91 -27.06 -1.28
CA ALA A 234 -2.26 -26.80 -0.75
C ALA A 234 -3.11 -25.98 -1.72
N ALA A 235 -2.46 -25.06 -2.44
CA ALA A 235 -3.14 -24.24 -3.43
C ALA A 235 -3.33 -25.05 -4.70
N GLY A 236 -2.62 -26.16 -4.80
CA GLY A 236 -2.71 -27.07 -5.94
C GLY A 236 -1.84 -26.72 -7.14
N HIS A 237 -0.77 -25.96 -6.92
CA HIS A 237 0.05 -25.45 -8.02
C HIS A 237 1.45 -26.07 -8.13
N ASP A 238 1.64 -27.23 -7.50
CA ASP A 238 2.95 -27.91 -7.57
C ASP A 238 3.33 -28.17 -9.01
N GLY A 239 4.57 -27.85 -9.34
CA GLY A 239 5.07 -27.94 -10.71
C GLY A 239 4.95 -26.63 -11.46
N LYS A 240 4.13 -25.70 -10.97
CA LYS A 240 3.89 -24.45 -11.67
C LYS A 240 4.55 -23.25 -10.98
N ILE A 241 4.95 -23.44 -9.72
CA ILE A 241 5.55 -22.41 -8.90
C ILE A 241 6.99 -22.76 -8.54
N LYS A 242 7.89 -21.84 -8.86
CA LYS A 242 9.29 -21.99 -8.50
C LYS A 242 9.63 -21.04 -7.35
N ILE A 243 10.84 -21.16 -6.81
CA ILE A 243 11.25 -20.35 -5.67
C ILE A 243 12.46 -19.49 -6.02
N GLY A 244 12.44 -18.26 -5.49
CA GLY A 244 13.56 -17.35 -5.57
C GLY A 244 13.98 -16.96 -4.16
N LEU A 245 15.27 -16.73 -3.97
CA LEU A 245 15.76 -16.24 -2.69
C LEU A 245 16.48 -14.90 -2.85
N ASP A 246 16.32 -14.02 -1.87
CA ASP A 246 17.30 -12.95 -1.65
C ASP A 246 17.96 -13.18 -0.29
N CYS A 247 19.21 -13.63 -0.31
CA CYS A 247 19.94 -13.94 0.93
C CYS A 247 20.33 -12.71 1.71
N ALA A 248 20.51 -11.60 1.00
CA ALA A 248 20.98 -10.34 1.59
C ALA A 248 22.14 -10.62 2.53
N SER A 249 23.16 -11.29 1.99
CA SER A 249 24.25 -11.81 2.82
C SER A 249 25.17 -10.73 3.38
N SER A 250 25.12 -9.52 2.81
CA SER A 250 25.86 -8.38 3.37
C SER A 250 25.44 -8.10 4.81
N GLU A 251 24.17 -8.40 5.13
CA GLU A 251 23.65 -8.25 6.48
C GLU A 251 24.30 -9.17 7.52
N PHE A 252 24.84 -10.32 7.09
CA PHE A 252 25.47 -11.23 8.04
C PHE A 252 26.96 -11.55 7.79
N PHE A 253 27.61 -10.66 7.04
CA PHE A 253 29.02 -10.75 6.72
C PHE A 253 29.82 -9.98 7.78
N LYS A 254 30.68 -10.69 8.50
CA LYS A 254 31.56 -10.11 9.52
C LYS A 254 32.98 -10.59 9.25
N ASP A 255 33.89 -9.62 9.06
CA ASP A 255 35.31 -9.84 8.74
C ASP A 255 35.62 -11.15 7.99
N GLY A 256 35.25 -11.19 6.72
CA GLY A 256 35.59 -12.32 5.85
C GLY A 256 34.66 -13.52 5.93
N LYS A 257 33.82 -13.58 6.94
CA LYS A 257 32.97 -14.75 7.18
C LYS A 257 31.48 -14.43 7.33
N TYR A 258 30.65 -15.47 7.26
CA TYR A 258 29.20 -15.31 7.22
C TYR A 258 28.49 -15.94 8.44
N ASP A 259 27.92 -15.07 9.27
CA ASP A 259 27.28 -15.47 10.50
C ASP A 259 25.78 -15.75 10.31
N LEU A 260 25.45 -17.03 10.16
CA LEU A 260 24.05 -17.43 9.94
C LEU A 260 23.21 -17.37 11.20
N ASP A 261 23.84 -16.99 12.31
CA ASP A 261 23.13 -16.80 13.55
C ASP A 261 23.35 -15.39 14.05
N PHE A 262 23.35 -14.44 13.12
CA PHE A 262 23.68 -13.04 13.40
C PHE A 262 22.65 -12.28 14.22
N LYS A 263 21.45 -12.84 14.35
CA LYS A 263 20.44 -12.24 15.20
C LYS A 263 20.67 -12.59 16.68
N ASN A 264 21.49 -13.63 16.91
CA ASN A 264 21.90 -14.06 18.25
C ASN A 264 23.19 -13.36 18.70
N PRO A 265 23.07 -12.37 19.61
CA PRO A 265 24.22 -11.58 20.09
C PRO A 265 25.41 -12.40 20.59
N ASN A 266 25.15 -13.59 21.14
CA ASN A 266 26.21 -14.48 21.61
C ASN A 266 26.56 -15.56 20.59
N SER A 267 26.38 -15.24 19.32
CA SER A 267 26.70 -16.13 18.19
C SER A 267 28.09 -16.75 18.32
N ASP A 268 28.17 -18.04 18.00
CA ASP A 268 29.41 -18.79 18.09
C ASP A 268 30.32 -18.45 16.91
N LYS A 269 31.29 -17.56 17.15
CA LYS A 269 32.23 -17.10 16.11
C LYS A 269 32.92 -18.25 15.37
N SER A 270 33.13 -19.36 16.07
CA SER A 270 33.77 -20.55 15.49
C SER A 270 32.86 -21.30 14.52
N LYS A 271 31.60 -20.87 14.44
CA LYS A 271 30.63 -21.50 13.56
C LYS A 271 30.28 -20.67 12.31
N TRP A 272 30.75 -19.43 12.27
CA TRP A 272 30.61 -18.57 11.10
C TRP A 272 31.21 -19.27 9.88
N LEU A 273 30.61 -19.08 8.72
CA LEU A 273 30.99 -19.85 7.55
C LEU A 273 31.92 -19.08 6.64
N THR A 274 32.76 -19.81 5.91
CA THR A 274 33.55 -19.22 4.84
C THR A 274 32.71 -19.19 3.57
N GLY A 275 33.18 -18.44 2.56
CA GLY A 275 32.60 -18.47 1.23
C GLY A 275 32.19 -19.86 0.74
N PRO A 276 33.16 -20.79 0.62
CA PRO A 276 32.87 -22.15 0.14
C PRO A 276 31.88 -22.95 1.01
N GLN A 277 31.89 -22.74 2.32
CA GLN A 277 30.96 -23.44 3.22
C GLN A 277 29.53 -22.92 3.02
N LEU A 278 29.37 -21.60 2.95
CA LEU A 278 28.06 -21.01 2.66
C LEU A 278 27.51 -21.48 1.30
N ALA A 279 28.38 -21.56 0.31
CA ALA A 279 28.02 -22.08 -1.01
C ALA A 279 27.55 -23.54 -0.93
N ASP A 280 28.17 -24.33 -0.05
CA ASP A 280 27.69 -25.69 0.25
C ASP A 280 26.25 -25.67 0.77
N LEU A 281 25.97 -24.76 1.71
CA LEU A 281 24.63 -24.61 2.24
C LEU A 281 23.62 -24.33 1.13
N TYR A 282 23.97 -23.42 0.21
CA TYR A 282 23.07 -23.10 -0.89
C TYR A 282 22.82 -24.32 -1.79
N HIS A 283 23.86 -25.09 -2.08
CA HIS A 283 23.70 -26.31 -2.90
C HIS A 283 22.77 -27.35 -2.28
N SER A 284 22.83 -27.49 -0.96
CA SER A 284 21.93 -28.35 -0.19
C SER A 284 20.47 -27.93 -0.36
N LEU A 285 20.22 -26.62 -0.33
CA LEU A 285 18.88 -26.07 -0.55
C LEU A 285 18.41 -26.29 -1.97
N MET A 286 19.29 -26.00 -2.93
CA MET A 286 18.98 -26.14 -4.36
C MET A 286 18.64 -27.58 -4.77
N LYS A 287 19.17 -28.54 -4.03
CA LYS A 287 18.87 -29.96 -4.27
C LYS A 287 17.48 -30.41 -3.79
N ARG A 288 17.00 -29.82 -2.69
CA ARG A 288 15.72 -30.23 -2.09
C ARG A 288 14.52 -29.34 -2.47
N TYR A 289 14.77 -28.20 -3.11
CA TYR A 289 13.70 -27.22 -3.38
C TYR A 289 13.78 -26.64 -4.80
N PRO A 290 12.62 -26.29 -5.39
CA PRO A 290 12.62 -25.84 -6.77
C PRO A 290 13.08 -24.36 -6.89
N ILE A 291 14.30 -24.11 -6.42
CA ILE A 291 14.92 -22.78 -6.41
C ILE A 291 15.55 -22.46 -7.77
N VAL A 292 15.04 -21.41 -8.42
CA VAL A 292 15.52 -21.03 -9.76
C VAL A 292 16.28 -19.71 -9.77
N SER A 293 16.37 -19.06 -8.60
CA SER A 293 17.05 -17.77 -8.50
C SER A 293 17.56 -17.45 -7.10
N ILE A 294 18.81 -17.02 -6.98
CA ILE A 294 19.35 -16.63 -5.69
C ILE A 294 20.04 -15.29 -5.81
N GLU A 295 19.60 -14.35 -4.97
CA GLU A 295 20.11 -12.98 -4.97
C GLU A 295 21.02 -12.69 -3.77
N ASP A 296 22.10 -11.95 -4.04
CA ASP A 296 23.12 -11.61 -3.07
C ASP A 296 23.53 -12.81 -2.20
N PRO A 297 23.95 -13.93 -2.83
CA PRO A 297 24.38 -15.08 -2.00
C PRO A 297 25.62 -14.78 -1.15
N PHE A 298 26.40 -13.79 -1.56
CA PHE A 298 27.63 -13.38 -0.91
C PHE A 298 27.70 -11.85 -0.82
N ALA A 299 28.63 -11.33 -0.02
CA ALA A 299 28.56 -9.94 0.37
C ALA A 299 28.97 -8.96 -0.74
N GLU A 300 28.66 -7.69 -0.51
CA GLU A 300 28.67 -6.68 -1.59
C GLU A 300 30.03 -6.42 -2.23
N ASP A 301 31.11 -6.78 -1.56
CA ASP A 301 32.45 -6.70 -2.18
C ASP A 301 33.23 -8.00 -2.12
N ASP A 302 32.56 -9.10 -1.82
CA ASP A 302 33.24 -10.38 -1.66
C ASP A 302 33.31 -11.10 -3.00
N TRP A 303 34.01 -10.46 -3.94
CA TRP A 303 34.09 -10.91 -5.33
C TRP A 303 34.49 -12.38 -5.49
N GLU A 304 35.51 -12.82 -4.76
CA GLU A 304 35.99 -14.20 -4.86
C GLU A 304 34.89 -15.24 -4.53
N ALA A 305 34.13 -15.01 -3.47
CA ALA A 305 33.04 -15.93 -3.09
C ALA A 305 31.95 -16.04 -4.16
N TRP A 306 31.59 -14.91 -4.78
CA TRP A 306 30.68 -14.90 -5.93
C TRP A 306 31.23 -15.72 -7.11
N SER A 307 32.47 -15.42 -7.51
CA SER A 307 33.04 -16.06 -8.70
C SER A 307 33.13 -17.57 -8.52
N HIS A 308 33.47 -17.99 -7.30
CA HIS A 308 33.61 -19.41 -6.98
C HIS A 308 32.26 -20.14 -7.09
N PHE A 309 31.24 -19.61 -6.44
CA PHE A 309 29.91 -20.19 -6.45
C PHE A 309 29.30 -20.19 -7.85
N PHE A 310 29.58 -19.16 -8.63
CA PHE A 310 28.99 -19.07 -9.94
C PHE A 310 29.43 -20.19 -10.89
N LYS A 311 30.64 -20.70 -10.72
CA LYS A 311 31.16 -21.79 -11.57
C LYS A 311 30.22 -22.98 -11.65
N THR A 312 29.59 -23.31 -10.53
CA THR A 312 28.76 -24.50 -10.41
C THR A 312 27.30 -24.27 -9.98
N ALA A 313 26.89 -23.01 -9.79
CA ALA A 313 25.52 -22.68 -9.38
C ALA A 313 24.46 -23.34 -10.28
N GLY A 314 24.54 -23.10 -11.58
CA GLY A 314 23.62 -23.69 -12.56
C GLY A 314 22.19 -23.15 -12.53
N ILE A 315 21.99 -22.08 -11.78
CA ILE A 315 20.72 -21.35 -11.72
C ILE A 315 21.00 -19.85 -11.78
N GLN A 316 19.95 -19.04 -11.92
CA GLN A 316 20.11 -17.59 -11.95
C GLN A 316 20.76 -17.08 -10.66
N ILE A 317 21.85 -16.34 -10.81
CA ILE A 317 22.48 -15.68 -9.66
C ILE A 317 22.38 -14.17 -9.82
N VAL A 318 21.61 -13.53 -8.91
CA VAL A 318 21.28 -12.10 -9.01
C VAL A 318 22.16 -11.20 -8.13
N ALA A 319 22.80 -10.22 -8.78
CA ALA A 319 23.55 -9.18 -8.11
C ALA A 319 22.64 -8.00 -7.76
N ASP A 320 22.62 -7.64 -6.46
CA ASP A 320 21.87 -6.48 -5.94
C ASP A 320 22.87 -5.48 -5.37
N ARG A 321 23.33 -5.71 -4.12
CA ARG A 321 24.27 -4.81 -3.47
C ARG A 321 25.68 -4.87 -4.09
N LEU A 322 26.01 -5.99 -4.75
CA LEU A 322 27.30 -6.13 -5.44
C LEU A 322 27.43 -5.10 -6.57
N THR A 323 26.34 -4.89 -7.30
CA THR A 323 26.36 -4.14 -8.54
C THR A 323 25.72 -2.75 -8.43
N VAL A 324 24.83 -2.60 -7.46
CA VAL A 324 24.07 -1.35 -7.23
C VAL A 324 23.59 -0.61 -8.50
N THR A 325 23.09 -1.38 -9.47
CA THR A 325 22.54 -0.84 -10.74
C THR A 325 23.53 0.15 -11.36
N ASN A 326 24.83 -0.12 -11.15
CA ASN A 326 25.91 0.78 -11.57
C ASN A 326 26.74 0.15 -12.67
N PRO A 327 26.67 0.70 -13.91
CA PRO A 327 27.45 0.14 -15.03
C PRO A 327 28.94 -0.17 -14.70
N LYS A 328 29.59 0.66 -13.89
CA LYS A 328 30.99 0.43 -13.50
C LYS A 328 31.17 -0.87 -12.70
N ARG A 329 30.25 -1.13 -11.77
CA ARG A 329 30.29 -2.32 -10.92
C ARG A 329 29.84 -3.54 -11.72
N ILE A 330 28.89 -3.33 -12.62
CA ILE A 330 28.40 -4.38 -13.53
C ILE A 330 29.53 -4.87 -14.47
N ALA A 331 30.32 -3.94 -14.98
CA ALA A 331 31.50 -4.28 -15.74
C ALA A 331 32.44 -5.21 -14.96
N THR A 332 32.64 -4.92 -13.69
CA THR A 332 33.49 -5.74 -12.83
C THR A 332 32.87 -7.12 -12.63
N ALA A 333 31.57 -7.14 -12.35
CA ALA A 333 30.85 -8.40 -12.13
C ALA A 333 30.91 -9.29 -13.37
N ILE A 334 30.76 -8.69 -14.55
CA ILE A 334 30.84 -9.42 -15.80
C ILE A 334 32.24 -10.04 -16.01
N GLU A 335 33.27 -9.22 -15.82
CA GLU A 335 34.66 -9.66 -16.06
C GLU A 335 35.02 -10.82 -15.14
N LYS A 336 34.62 -10.69 -13.87
CA LYS A 336 34.91 -11.67 -12.83
C LYS A 336 33.97 -12.89 -12.84
N LYS A 337 32.98 -12.88 -13.72
CA LYS A 337 31.95 -13.94 -13.79
C LYS A 337 31.34 -14.20 -12.41
N ALA A 338 30.88 -13.13 -11.79
CA ALA A 338 30.39 -13.15 -10.42
C ALA A 338 28.92 -13.59 -10.33
N ALA A 339 28.15 -13.30 -11.37
CA ALA A 339 26.69 -13.47 -11.36
C ALA A 339 26.21 -13.54 -12.80
N ASP A 340 24.91 -13.81 -12.99
CA ASP A 340 24.34 -13.77 -14.33
C ASP A 340 23.02 -12.99 -14.48
N ALA A 341 22.72 -12.17 -13.48
CA ALA A 341 21.53 -11.33 -13.54
C ALA A 341 21.70 -10.08 -12.70
N LEU A 342 21.15 -8.97 -13.19
CA LEU A 342 21.21 -7.70 -12.46
C LEU A 342 19.88 -7.45 -11.76
N LEU A 343 19.92 -7.08 -10.49
CA LEU A 343 18.71 -6.56 -9.86
C LEU A 343 18.72 -5.05 -10.13
N LEU A 344 17.73 -4.58 -10.88
CA LEU A 344 17.70 -3.22 -11.34
C LEU A 344 16.82 -2.32 -10.45
N LYS A 345 17.47 -1.43 -9.71
CA LYS A 345 16.82 -0.47 -8.80
C LYS A 345 17.24 0.93 -9.24
N VAL A 346 16.33 1.61 -9.94
CA VAL A 346 16.62 2.94 -10.49
C VAL A 346 17.23 3.90 -9.45
N ASN A 347 16.76 3.83 -8.21
CA ASN A 347 17.26 4.75 -7.16
C ASN A 347 18.66 4.38 -6.59
N GLN A 348 19.18 3.20 -6.92
CA GLN A 348 20.56 2.86 -6.59
C GLN A 348 21.57 3.65 -7.41
N ILE A 349 21.16 4.07 -8.60
CA ILE A 349 22.02 4.84 -9.49
C ILE A 349 21.58 6.32 -9.62
N GLY A 350 20.27 6.58 -9.62
CA GLY A 350 19.75 7.94 -9.61
C GLY A 350 19.21 8.55 -10.90
N THR A 351 19.46 7.91 -12.05
CA THR A 351 18.79 8.33 -13.29
C THR A 351 18.24 7.17 -14.08
N LEU A 352 17.20 7.45 -14.86
CA LEU A 352 16.66 6.47 -15.79
C LEU A 352 17.69 6.06 -16.85
N SER A 353 18.43 7.01 -17.44
CA SER A 353 19.45 6.69 -18.46
C SER A 353 20.54 5.73 -17.97
N GLU A 354 21.08 5.99 -16.78
CA GLU A 354 22.09 5.10 -16.22
C GLU A 354 21.50 3.72 -15.94
N SER A 355 20.23 3.69 -15.54
CA SER A 355 19.54 2.44 -15.26
C SER A 355 19.36 1.62 -16.52
N ILE A 356 18.95 2.30 -17.59
CA ILE A 356 18.79 1.67 -18.90
C ILE A 356 20.14 1.16 -19.41
N LYS A 357 21.17 1.96 -19.22
CA LYS A 357 22.54 1.55 -19.56
C LYS A 357 22.96 0.29 -18.81
N ALA A 358 22.70 0.26 -17.51
CA ALA A 358 23.00 -0.90 -16.68
C ALA A 358 22.31 -2.18 -17.22
N ALA A 359 21.04 -2.04 -17.63
CA ALA A 359 20.28 -3.17 -18.22
C ALA A 359 20.90 -3.64 -19.54
N GLN A 360 21.23 -2.66 -20.39
CA GLN A 360 21.78 -2.93 -21.72
C GLN A 360 23.13 -3.61 -21.63
N ASP A 361 23.95 -3.17 -20.66
CA ASP A 361 25.27 -3.76 -20.43
C ASP A 361 25.13 -5.21 -19.96
N SER A 362 24.16 -5.45 -19.06
CA SER A 362 23.85 -6.79 -18.56
C SER A 362 23.40 -7.71 -19.69
N PHE A 363 22.39 -7.28 -20.44
CA PHE A 363 21.86 -8.06 -21.56
C PHE A 363 22.95 -8.40 -22.58
N ALA A 364 23.84 -7.43 -22.82
CA ALA A 364 24.92 -7.62 -23.79
C ALA A 364 25.91 -8.70 -23.35
N ALA A 365 26.02 -8.93 -22.04
CA ALA A 365 26.92 -9.95 -21.51
C ALA A 365 26.20 -11.28 -21.30
N GLY A 366 24.98 -11.39 -21.80
CA GLY A 366 24.16 -12.61 -21.65
C GLY A 366 23.49 -12.74 -20.28
N TRP A 367 23.50 -11.66 -19.50
CA TRP A 367 22.84 -11.62 -18.21
C TRP A 367 21.33 -11.41 -18.36
N GLY A 368 20.60 -11.78 -17.31
CA GLY A 368 19.20 -11.38 -17.17
C GLY A 368 19.10 -10.10 -16.36
N VAL A 369 17.90 -9.53 -16.29
CA VAL A 369 17.64 -8.36 -15.45
C VAL A 369 16.31 -8.56 -14.73
N MET A 370 16.32 -8.48 -13.41
CA MET A 370 15.11 -8.47 -12.61
C MET A 370 14.88 -7.06 -12.07
N VAL A 371 13.89 -6.37 -12.65
CA VAL A 371 13.54 -5.03 -12.19
C VAL A 371 13.01 -5.15 -10.76
N SER A 372 13.40 -4.21 -9.91
CA SER A 372 13.06 -4.33 -8.49
C SER A 372 12.46 -3.07 -7.88
N HIS A 373 11.49 -3.30 -7.00
CA HIS A 373 11.07 -2.31 -5.99
C HIS A 373 12.16 -2.08 -4.93
N ARG A 374 11.90 -1.12 -4.03
CA ARG A 374 12.61 -1.03 -2.74
C ARG A 374 11.66 -1.40 -1.59
N SER A 375 12.22 -1.74 -0.42
CA SER A 375 11.39 -2.15 0.70
C SER A 375 10.49 -1.02 1.21
N GLY A 376 10.91 0.23 1.01
CA GLY A 376 10.04 1.39 1.20
C GLY A 376 9.55 1.84 -0.18
N GLU A 377 8.31 1.49 -0.49
CA GLU A 377 7.72 1.83 -1.78
C GLU A 377 6.63 2.87 -1.64
N THR A 378 6.05 3.23 -2.78
CA THR A 378 4.96 4.19 -2.81
C THR A 378 3.90 3.73 -3.82
N GLU A 379 2.84 4.53 -3.96
CA GLU A 379 1.77 4.28 -4.93
C GLU A 379 2.23 4.45 -6.41
N ASP A 380 3.45 4.95 -6.61
CA ASP A 380 4.06 5.10 -7.93
C ASP A 380 4.16 3.73 -8.62
N THR A 381 3.91 3.69 -9.93
CA THR A 381 3.88 2.41 -10.65
C THR A 381 4.97 2.31 -11.72
N PHE A 382 5.94 3.20 -11.64
CA PHE A 382 6.94 3.28 -12.70
C PHE A 382 7.54 1.95 -13.13
N ILE A 383 7.99 1.16 -12.16
CA ILE A 383 8.71 -0.10 -12.48
C ILE A 383 7.90 -1.15 -13.25
N ALA A 384 6.56 -1.09 -13.19
CA ALA A 384 5.70 -1.96 -13.99
C ALA A 384 5.88 -1.62 -15.47
N ASP A 385 5.86 -0.33 -15.80
CA ASP A 385 6.12 0.07 -17.18
C ASP A 385 7.58 -0.18 -17.59
N LEU A 386 8.49 0.00 -16.64
CA LEU A 386 9.92 -0.18 -16.92
C LEU A 386 10.24 -1.64 -17.27
N VAL A 387 9.68 -2.58 -16.52
CA VAL A 387 10.00 -4.00 -16.77
C VAL A 387 9.52 -4.48 -18.15
N VAL A 388 8.32 -4.04 -18.55
CA VAL A 388 7.81 -4.26 -19.91
C VAL A 388 8.66 -3.51 -20.95
N GLY A 389 8.91 -2.22 -20.74
CA GLY A 389 9.82 -1.44 -21.58
C GLY A 389 11.17 -2.08 -21.87
N LEU A 390 11.79 -2.64 -20.83
CA LEU A 390 13.08 -3.32 -20.94
C LEU A 390 12.97 -4.77 -21.39
N ARG A 391 11.75 -5.30 -21.47
CA ARG A 391 11.50 -6.65 -21.98
C ARG A 391 12.26 -7.71 -21.15
N THR A 392 12.41 -7.48 -19.84
CA THR A 392 13.30 -8.36 -19.05
C THR A 392 12.75 -9.77 -18.78
N GLY A 393 11.43 -9.87 -18.67
CA GLY A 393 10.77 -11.14 -18.32
C GLY A 393 10.66 -11.46 -16.85
N GLN A 394 11.11 -10.54 -15.97
CA GLN A 394 11.07 -10.78 -14.52
C GLN A 394 11.10 -9.50 -13.68
N ILE A 395 10.23 -9.47 -12.65
CA ILE A 395 10.16 -8.36 -11.70
C ILE A 395 9.99 -8.89 -10.27
N LYS A 396 10.61 -8.22 -9.30
CA LYS A 396 10.22 -8.41 -7.91
C LYS A 396 9.68 -7.07 -7.39
N THR A 397 8.46 -7.11 -6.90
CA THR A 397 7.79 -5.89 -6.46
C THR A 397 6.90 -6.18 -5.25
N GLY A 398 7.24 -7.26 -4.54
CA GLY A 398 6.59 -7.58 -3.28
C GLY A 398 5.66 -8.78 -3.31
N ALA A 399 5.14 -9.09 -2.14
CA ALA A 399 4.02 -9.98 -1.93
C ALA A 399 2.78 -9.42 -2.63
N PRO A 400 1.78 -10.29 -2.86
CA PRO A 400 0.49 -9.80 -3.34
C PRO A 400 -0.34 -9.27 -2.16
N ALA A 401 0.26 -8.41 -1.35
CA ALA A 401 -0.40 -7.72 -0.24
C ALA A 401 0.31 -6.38 -0.01
N ARG A 402 -0.44 -5.37 0.45
CA ARG A 402 0.02 -3.97 0.64
C ARG A 402 0.04 -3.28 -0.71
N SER A 403 -0.74 -2.20 -0.85
CA SER A 403 -0.99 -1.63 -2.17
C SER A 403 0.18 -0.91 -2.85
N GLU A 404 1.27 -0.64 -2.12
CA GLU A 404 2.48 -0.18 -2.78
C GLU A 404 3.10 -1.29 -3.63
N ARG A 405 2.66 -2.53 -3.36
CA ARG A 405 3.07 -3.72 -4.13
C ARG A 405 2.03 -4.01 -5.19
N LEU A 406 0.76 -4.12 -4.79
CA LEU A 406 -0.35 -4.32 -5.74
C LEU A 406 -0.50 -3.26 -6.82
N ALA A 407 -0.13 -2.01 -6.53
CA ALA A 407 -0.21 -0.95 -7.57
C ALA A 407 0.61 -1.36 -8.80
N LYS A 408 1.78 -1.98 -8.58
CA LYS A 408 2.67 -2.37 -9.70
C LYS A 408 2.10 -3.58 -10.42
N LEU A 409 1.68 -4.57 -9.62
CA LEU A 409 1.12 -5.81 -10.15
C LEU A 409 -0.20 -5.57 -10.90
N ASN A 410 -1.01 -4.64 -10.37
CA ASN A 410 -2.24 -4.19 -11.05
C ASN A 410 -1.94 -3.49 -12.37
N GLN A 411 -0.93 -2.64 -12.36
CA GLN A 411 -0.49 -1.96 -13.59
C GLN A 411 -0.03 -2.96 -14.64
N LEU A 412 0.65 -4.02 -14.23
CA LEU A 412 1.01 -5.11 -15.17
C LEU A 412 -0.20 -5.81 -15.82
N LEU A 413 -1.22 -6.11 -15.01
CA LEU A 413 -2.52 -6.57 -15.52
C LEU A 413 -3.07 -5.63 -16.60
N ARG A 414 -3.03 -4.32 -16.34
CA ARG A 414 -3.48 -3.31 -17.32
C ARG A 414 -2.66 -3.33 -18.62
N ILE A 415 -1.34 -3.43 -18.47
CA ILE A 415 -0.45 -3.46 -19.62
C ILE A 415 -0.69 -4.73 -20.42
N GLU A 416 -0.84 -5.85 -19.72
CA GLU A 416 -1.11 -7.14 -20.39
C GLU A 416 -2.40 -7.07 -21.24
N GLU A 417 -3.45 -6.53 -20.62
CA GLU A 417 -4.75 -6.34 -21.25
C GLU A 417 -4.61 -5.47 -22.51
N GLU A 418 -3.93 -4.33 -22.36
CA GLU A 418 -3.71 -3.39 -23.46
C GLU A 418 -2.97 -4.03 -24.63
N LEU A 419 -1.88 -4.74 -24.31
CA LEU A 419 -1.02 -5.33 -25.33
C LEU A 419 -1.69 -6.46 -26.15
N GLY A 420 -2.59 -7.20 -25.51
CA GLY A 420 -3.34 -8.28 -26.18
C GLY A 420 -2.41 -9.30 -26.81
N ASP A 421 -2.57 -9.54 -28.11
CA ASP A 421 -1.74 -10.50 -28.82
C ASP A 421 -0.33 -10.02 -29.18
N ASN A 422 0.00 -8.76 -28.90
CA ASN A 422 1.38 -8.31 -29.10
C ASN A 422 2.25 -8.44 -27.83
N ALA A 423 1.77 -9.19 -26.84
CA ALA A 423 2.59 -9.54 -25.69
C ALA A 423 2.63 -11.05 -25.43
N VAL A 424 3.74 -11.52 -24.90
CA VAL A 424 3.85 -12.90 -24.44
C VAL A 424 4.38 -12.89 -23.00
N PHE A 425 3.86 -13.78 -22.17
CA PHE A 425 4.34 -14.02 -20.81
C PHE A 425 5.67 -14.80 -20.82
N ALA A 426 6.67 -14.32 -20.08
CA ALA A 426 8.01 -14.92 -20.15
C ALA A 426 8.07 -16.38 -19.66
N GLY A 427 7.28 -16.69 -18.63
CA GLY A 427 7.17 -18.05 -18.10
C GLY A 427 8.52 -18.66 -17.77
N GLU A 428 8.74 -19.89 -18.23
CA GLU A 428 10.00 -20.59 -17.96
C GLU A 428 11.22 -19.88 -18.55
N ASN A 429 10.99 -18.96 -19.49
CA ASN A 429 12.09 -18.26 -20.19
C ASN A 429 12.46 -16.90 -19.58
N PHE A 430 12.11 -16.71 -18.31
CA PHE A 430 12.25 -15.42 -17.61
C PHE A 430 13.68 -14.88 -17.64
N HIS A 431 14.66 -15.78 -17.45
CA HIS A 431 16.07 -15.38 -17.35
C HIS A 431 16.57 -14.60 -18.56
N HIS A 432 16.23 -15.09 -19.76
CA HIS A 432 16.52 -14.39 -21.03
C HIS A 432 15.23 -13.83 -21.65
N GLY A 433 14.37 -13.19 -20.85
CA GLY A 433 13.15 -12.60 -21.40
C GLY A 433 13.40 -11.63 -22.55
N ASP A 434 14.53 -10.95 -22.50
CA ASP A 434 14.88 -9.96 -23.53
C ASP A 434 15.15 -10.57 -24.91
N LYS A 435 15.51 -11.86 -24.95
CA LYS A 435 15.83 -12.56 -26.20
C LYS A 435 14.72 -13.51 -26.64
N LEU A 436 13.60 -13.51 -25.90
CA LEU A 436 12.46 -14.37 -26.18
C LEU A 436 11.77 -13.95 -27.48
N LEU A 437 11.48 -14.90 -28.36
CA LEU A 437 10.93 -14.52 -29.66
C LEU A 437 9.48 -14.90 -29.91
N HIS A 438 8.89 -14.31 -30.94
N ALA B 1 -20.16 13.52 -22.52
CA ALA B 1 -20.93 12.33 -23.00
C ALA B 1 -20.15 11.03 -22.83
N VAL B 2 -20.75 10.08 -22.13
CA VAL B 2 -20.10 8.81 -21.82
C VAL B 2 -20.15 7.92 -23.05
N SER B 3 -18.98 7.50 -23.52
CA SER B 3 -18.90 6.67 -24.72
C SER B 3 -18.61 5.23 -24.37
N LYS B 4 -18.02 5.00 -23.21
CA LYS B 4 -17.66 3.64 -22.82
C LYS B 4 -17.63 3.45 -21.30
N VAL B 5 -18.13 2.29 -20.86
CA VAL B 5 -18.04 1.86 -19.47
C VAL B 5 -17.37 0.48 -19.50
N TYR B 6 -16.33 0.30 -18.69
CA TYR B 6 -15.57 -0.94 -18.72
C TYR B 6 -15.12 -1.37 -17.33
N ALA B 7 -15.07 -2.68 -17.11
CA ALA B 7 -14.57 -3.22 -15.84
C ALA B 7 -13.54 -4.31 -16.05
N ARG B 8 -12.64 -4.41 -15.08
CA ARG B 8 -11.64 -5.47 -15.00
C ARG B 8 -11.41 -5.84 -13.55
N SER B 9 -10.82 -7.03 -13.34
CA SER B 9 -10.40 -7.49 -12.01
CA SER B 9 -10.41 -7.46 -12.01
C SER B 9 -8.99 -6.98 -11.68
N VAL B 10 -8.82 -6.39 -10.50
CA VAL B 10 -7.50 -5.98 -9.97
C VAL B 10 -7.40 -6.49 -8.52
N TYR B 11 -6.28 -6.26 -7.86
CA TYR B 11 -6.10 -6.80 -6.50
C TYR B 11 -6.14 -5.71 -5.46
N ASP B 12 -6.84 -6.00 -4.36
CA ASP B 12 -6.83 -5.11 -3.19
C ASP B 12 -5.62 -5.37 -2.30
N SER B 13 -5.53 -4.59 -1.22
CA SER B 13 -4.36 -4.57 -0.37
C SER B 13 -4.15 -5.86 0.41
N ARG B 14 -5.14 -6.75 0.41
CA ARG B 14 -5.00 -8.05 1.05
C ARG B 14 -4.74 -9.18 0.04
N GLY B 15 -4.63 -8.83 -1.24
CA GLY B 15 -4.38 -9.82 -2.29
C GLY B 15 -5.61 -10.56 -2.77
N ASN B 16 -6.78 -9.99 -2.49
CA ASN B 16 -8.07 -10.46 -3.00
C ASN B 16 -8.53 -9.60 -4.18
N PRO B 17 -9.21 -10.21 -5.17
CA PRO B 17 -9.71 -9.44 -6.30
C PRO B 17 -10.71 -8.38 -5.90
N THR B 18 -10.74 -7.30 -6.68
CA THR B 18 -11.75 -6.29 -6.58
C THR B 18 -12.02 -5.69 -7.96
N VAL B 19 -13.08 -4.91 -8.07
CA VAL B 19 -13.55 -4.39 -9.35
C VAL B 19 -12.90 -3.04 -9.62
N GLU B 20 -12.39 -2.86 -10.82
CA GLU B 20 -11.91 -1.57 -11.29
C GLU B 20 -12.77 -1.15 -12.47
N VAL B 21 -13.31 0.07 -12.42
CA VAL B 21 -14.18 0.55 -13.49
C VAL B 21 -13.52 1.73 -14.20
N GLU B 22 -13.66 1.77 -15.52
CA GLU B 22 -13.20 2.89 -16.33
C GLU B 22 -14.34 3.43 -17.16
N LEU B 23 -14.55 4.73 -17.08
CA LEU B 23 -15.62 5.40 -17.79
C LEU B 23 -14.95 6.36 -18.75
N THR B 24 -15.26 6.23 -20.03
CA THR B 24 -14.64 7.08 -21.06
C THR B 24 -15.62 8.16 -21.55
N THR B 25 -15.13 9.40 -21.57
CA THR B 25 -15.85 10.54 -22.16
C THR B 25 -14.89 11.30 -23.08
N GLU B 26 -15.32 12.47 -23.55
CA GLU B 26 -14.47 13.35 -24.38
C GLU B 26 -13.26 13.91 -23.61
N LYS B 27 -13.38 14.01 -22.29
CA LYS B 27 -12.28 14.50 -21.46
C LYS B 27 -11.18 13.44 -21.19
N GLY B 28 -11.48 12.18 -21.47
CA GLY B 28 -10.51 11.08 -21.29
C GLY B 28 -11.10 9.87 -20.59
N VAL B 29 -10.24 9.09 -19.93
CA VAL B 29 -10.62 7.83 -19.26
C VAL B 29 -10.55 8.02 -17.76
N PHE B 30 -11.60 7.64 -17.03
CA PHE B 30 -11.67 7.91 -15.60
C PHE B 30 -11.90 6.63 -14.85
N ARG B 31 -11.07 6.40 -13.85
CA ARG B 31 -10.94 5.10 -13.21
C ARG B 31 -11.37 5.16 -11.75
N SER B 32 -12.04 4.10 -11.30
CA SER B 32 -12.38 3.92 -9.91
C SER B 32 -12.00 2.49 -9.55
N ILE B 33 -11.42 2.30 -8.37
CA ILE B 33 -11.27 0.95 -7.81
C ILE B 33 -12.04 0.90 -6.50
N VAL B 34 -12.80 -0.18 -6.31
CA VAL B 34 -13.72 -0.33 -5.20
C VAL B 34 -12.98 -1.07 -4.09
N PRO B 35 -13.12 -0.62 -2.82
CA PRO B 35 -12.55 -1.44 -1.74
C PRO B 35 -13.37 -2.70 -1.55
N SER B 36 -12.83 -3.68 -0.83
CA SER B 36 -13.63 -4.86 -0.51
C SER B 36 -14.73 -4.55 0.51
N GLY B 37 -15.78 -5.36 0.53
CA GLY B 37 -16.93 -5.11 1.38
C GLY B 37 -17.43 -6.41 1.97
N ALA B 38 -18.75 -6.59 1.95
CA ALA B 38 -19.36 -7.81 2.46
C ALA B 38 -20.19 -8.38 1.32
N ASN B 39 -20.16 -9.71 1.14
CA ASN B 39 -21.00 -10.36 0.14
C ASN B 39 -22.20 -11.04 0.79
N THR B 40 -22.25 -11.00 2.12
CA THR B 40 -23.38 -11.52 2.89
C THR B 40 -23.64 -10.57 4.05
N GLY B 41 -24.84 -10.65 4.63
CA GLY B 41 -25.16 -9.87 5.80
C GLY B 41 -26.43 -9.06 5.66
N VAL B 42 -26.93 -8.61 6.79
CA VAL B 42 -28.11 -7.79 6.86
C VAL B 42 -27.75 -6.30 6.78
N HIS B 43 -28.70 -5.53 6.27
CA HIS B 43 -28.68 -4.07 6.23
C HIS B 43 -27.71 -3.43 5.25
N GLU B 44 -26.59 -4.08 4.95
CA GLU B 44 -25.62 -3.43 4.07
C GLU B 44 -25.71 -3.88 2.62
N ALA B 45 -25.14 -3.07 1.72
CA ALA B 45 -25.15 -3.41 0.30
C ALA B 45 -24.18 -4.56 0.14
N LEU B 46 -24.53 -5.50 -0.72
CA LEU B 46 -23.73 -6.70 -0.84
C LEU B 46 -22.92 -6.66 -2.11
N GLU B 47 -21.61 -6.84 -1.99
CA GLU B 47 -20.78 -6.98 -3.18
C GLU B 47 -21.00 -8.38 -3.70
N MET B 48 -20.74 -8.57 -4.99
CA MET B 48 -20.84 -9.87 -5.63
C MET B 48 -19.49 -10.56 -5.69
N ARG B 49 -19.45 -11.79 -5.16
CA ARG B 49 -18.26 -12.66 -5.21
C ARG B 49 -18.65 -13.92 -5.95
N ASP B 50 -17.68 -14.54 -6.64
CA ASP B 50 -17.94 -15.68 -7.51
C ASP B 50 -18.20 -17.00 -6.75
N GLY B 51 -17.57 -17.15 -5.60
CA GLY B 51 -17.73 -18.38 -4.80
C GLY B 51 -17.17 -19.65 -5.47
N ASP B 52 -16.30 -19.49 -6.46
CA ASP B 52 -15.58 -20.61 -7.08
C ASP B 52 -14.31 -20.95 -6.29
N LYS B 53 -14.36 -22.00 -5.47
CA LYS B 53 -13.24 -22.33 -4.58
C LYS B 53 -11.92 -22.67 -5.29
N SER B 54 -12.01 -22.97 -6.58
CA SER B 54 -10.81 -23.27 -7.37
C SER B 54 -10.14 -22.00 -7.97
N LYS B 55 -10.74 -20.83 -7.73
CA LYS B 55 -10.18 -19.56 -8.19
C LYS B 55 -10.22 -18.55 -7.05
N TRP B 56 -9.06 -17.98 -6.73
CA TRP B 56 -8.98 -16.86 -5.78
C TRP B 56 -9.61 -17.16 -4.40
N MET B 57 -9.54 -18.43 -3.97
CA MET B 57 -10.11 -18.84 -2.66
C MET B 57 -11.63 -18.67 -2.58
N GLY B 58 -12.29 -18.63 -3.74
CA GLY B 58 -13.73 -18.36 -3.81
C GLY B 58 -14.10 -16.90 -3.88
N LYS B 59 -13.10 -16.01 -3.94
CA LYS B 59 -13.31 -14.58 -3.83
C LYS B 59 -13.15 -13.81 -5.15
N GLY B 60 -13.33 -14.50 -6.28
CA GLY B 60 -13.28 -13.85 -7.59
C GLY B 60 -14.37 -12.80 -7.76
N VAL B 61 -14.15 -11.85 -8.65
CA VAL B 61 -15.18 -10.86 -8.96
C VAL B 61 -15.59 -10.90 -10.43
N LEU B 62 -15.42 -12.05 -11.06
CA LEU B 62 -15.72 -12.17 -12.49
C LEU B 62 -17.18 -11.87 -12.84
N HIS B 63 -18.08 -12.23 -11.93
CA HIS B 63 -19.50 -11.97 -12.12
C HIS B 63 -19.81 -10.48 -12.05
N ALA B 64 -19.29 -9.82 -11.03
CA ALA B 64 -19.42 -8.38 -10.86
C ALA B 64 -18.89 -7.65 -12.08
N VAL B 65 -17.70 -8.06 -12.54
CA VAL B 65 -17.08 -7.45 -13.72
C VAL B 65 -17.94 -7.66 -14.96
N LYS B 66 -18.51 -8.86 -15.07
CA LYS B 66 -19.42 -9.18 -16.17
C LYS B 66 -20.68 -8.31 -16.10
N ASN B 67 -21.24 -8.16 -14.90
CA ASN B 67 -22.39 -7.28 -14.73
C ASN B 67 -22.10 -5.86 -15.21
N VAL B 68 -20.90 -5.34 -14.95
CA VAL B 68 -20.56 -4.02 -15.50
C VAL B 68 -20.52 -4.09 -17.02
N ASN B 69 -19.74 -5.03 -17.56
CA ASN B 69 -19.45 -5.07 -18.99
C ASN B 69 -20.64 -5.44 -19.87
N ASP B 70 -21.48 -6.36 -19.39
CA ASP B 70 -22.58 -6.90 -20.17
C ASP B 70 -23.97 -6.34 -19.85
N VAL B 71 -24.14 -5.80 -18.65
CA VAL B 71 -25.43 -5.26 -18.19
C VAL B 71 -25.44 -3.73 -18.01
N ILE B 72 -24.64 -3.24 -17.05
CA ILE B 72 -24.65 -1.82 -16.75
C ILE B 72 -24.17 -1.00 -17.95
N ALA B 73 -23.05 -1.41 -18.53
CA ALA B 73 -22.39 -0.64 -19.60
C ALA B 73 -23.31 -0.33 -20.80
N PRO B 74 -23.85 -1.38 -21.49
CA PRO B 74 -24.69 -1.03 -22.66
C PRO B 74 -25.88 -0.13 -22.32
N ALA B 75 -26.58 -0.41 -21.21
CA ALA B 75 -27.71 0.42 -20.79
C ALA B 75 -27.28 1.85 -20.38
N PHE B 76 -26.14 1.96 -19.68
CA PHE B 76 -25.65 3.26 -19.22
C PHE B 76 -25.28 4.16 -20.39
N VAL B 77 -24.49 3.62 -21.31
CA VAL B 77 -24.06 4.37 -22.50
C VAL B 77 -25.30 4.75 -23.31
N LYS B 78 -26.22 3.81 -23.47
CA LYS B 78 -27.45 4.05 -24.22
C LYS B 78 -28.30 5.19 -23.64
N ALA B 79 -28.34 5.29 -22.31
CA ALA B 79 -29.18 6.25 -21.61
C ALA B 79 -28.65 7.70 -21.68
N ASN B 80 -27.42 7.88 -22.16
CA ASN B 80 -26.83 9.21 -22.36
C ASN B 80 -26.95 10.16 -21.15
N ILE B 81 -26.50 9.68 -20.00
CA ILE B 81 -26.65 10.42 -18.74
C ILE B 81 -25.64 11.56 -18.58
N ASP B 82 -26.07 12.65 -17.97
CA ASP B 82 -25.18 13.76 -17.68
C ASP B 82 -24.42 13.41 -16.40
N VAL B 83 -23.13 13.10 -16.52
CA VAL B 83 -22.33 12.66 -15.37
C VAL B 83 -22.25 13.69 -14.24
N LYS B 84 -22.42 14.97 -14.56
CA LYS B 84 -22.45 16.03 -13.54
C LYS B 84 -23.65 15.86 -12.60
N ASP B 85 -24.69 15.19 -13.09
CA ASP B 85 -25.89 14.94 -12.28
C ASP B 85 -25.72 13.59 -11.60
N GLN B 86 -25.00 13.60 -10.48
CA GLN B 86 -24.67 12.38 -9.77
C GLN B 86 -25.93 11.65 -9.31
N LYS B 87 -26.95 12.41 -8.92
CA LYS B 87 -28.19 11.81 -8.50
C LYS B 87 -28.80 10.97 -9.62
N ALA B 88 -28.74 11.48 -10.85
CA ALA B 88 -29.32 10.79 -11.99
C ALA B 88 -28.53 9.53 -12.37
N VAL B 89 -27.20 9.64 -12.33
CA VAL B 89 -26.29 8.50 -12.47
C VAL B 89 -26.68 7.39 -11.48
N ASP B 90 -26.81 7.78 -10.22
CA ASP B 90 -27.07 6.80 -9.18
C ASP B 90 -28.49 6.25 -9.17
N ASP B 91 -29.50 7.10 -9.43
CA ASP B 91 -30.87 6.61 -9.63
C ASP B 91 -30.91 5.57 -10.75
N PHE B 92 -30.17 5.80 -11.83
CA PHE B 92 -30.13 4.87 -12.97
C PHE B 92 -29.56 3.53 -12.55
N LEU B 93 -28.44 3.57 -11.83
CA LEU B 93 -27.76 2.36 -11.39
C LEU B 93 -28.63 1.58 -10.39
N ILE B 94 -29.23 2.30 -9.45
CA ILE B 94 -30.11 1.69 -8.44
C ILE B 94 -31.30 0.99 -9.10
N SER B 95 -31.87 1.63 -10.13
CA SER B 95 -33.04 1.11 -10.83
C SER B 95 -32.73 -0.12 -11.66
N LEU B 96 -31.54 -0.16 -12.25
CA LEU B 96 -31.11 -1.29 -13.03
C LEU B 96 -30.96 -2.52 -12.15
N ASP B 97 -30.41 -2.32 -10.96
CA ASP B 97 -30.27 -3.39 -9.99
C ASP B 97 -31.62 -3.85 -9.45
N GLY B 98 -32.40 -2.89 -8.95
CA GLY B 98 -33.79 -3.16 -8.55
C GLY B 98 -33.96 -3.79 -7.17
N THR B 99 -32.86 -3.97 -6.43
CA THR B 99 -32.95 -4.55 -5.09
C THR B 99 -32.45 -3.54 -4.09
N ALA B 100 -32.94 -3.60 -2.85
CA ALA B 100 -32.51 -2.67 -1.80
C ALA B 100 -31.03 -2.82 -1.47
N ASN B 101 -30.51 -4.04 -1.48
CA ASN B 101 -29.14 -4.27 -1.07
C ASN B 101 -28.14 -4.44 -2.22
N LYS B 102 -28.54 -4.06 -3.43
CA LYS B 102 -27.64 -4.10 -4.61
C LYS B 102 -27.09 -5.51 -4.92
N SER B 103 -27.85 -6.53 -4.53
CA SER B 103 -27.38 -7.92 -4.63
C SER B 103 -27.62 -8.52 -6.00
N LYS B 104 -28.36 -7.84 -6.87
CA LYS B 104 -28.53 -8.41 -8.20
C LYS B 104 -27.30 -8.18 -9.08
N LEU B 105 -26.82 -6.95 -9.08
CA LEU B 105 -25.68 -6.59 -9.92
C LEU B 105 -24.38 -6.64 -9.10
N GLY B 106 -24.50 -6.37 -7.80
CA GLY B 106 -23.35 -6.34 -6.90
C GLY B 106 -23.06 -4.89 -6.57
N ALA B 107 -22.87 -4.60 -5.28
CA ALA B 107 -22.54 -3.27 -4.80
C ALA B 107 -21.21 -2.84 -5.36
N ASN B 108 -20.30 -3.80 -5.57
CA ASN B 108 -18.99 -3.51 -6.17
C ASN B 108 -19.07 -3.05 -7.61
N ALA B 109 -19.94 -3.68 -8.38
CA ALA B 109 -20.22 -3.28 -9.77
C ALA B 109 -20.83 -1.88 -9.83
N ILE B 110 -21.82 -1.64 -8.98
CA ILE B 110 -22.53 -0.37 -8.96
C ILE B 110 -21.62 0.76 -8.49
N LEU B 111 -20.94 0.55 -7.37
CA LEU B 111 -20.09 1.62 -6.80
C LEU B 111 -19.00 2.07 -7.77
N GLY B 112 -18.39 1.11 -8.47
CA GLY B 112 -17.34 1.44 -9.43
C GLY B 112 -17.81 2.45 -10.45
N VAL B 113 -18.98 2.21 -11.03
CA VAL B 113 -19.57 3.14 -12.00
C VAL B 113 -19.92 4.49 -11.37
N SER B 114 -20.54 4.44 -10.20
CA SER B 114 -20.92 5.65 -9.45
C SER B 114 -19.72 6.57 -9.28
N LEU B 115 -18.60 6.02 -8.80
CA LEU B 115 -17.40 6.81 -8.52
C LEU B 115 -16.65 7.30 -9.75
N ALA B 116 -16.55 6.45 -10.78
CA ALA B 116 -15.87 6.84 -12.02
C ALA B 116 -16.62 8.02 -12.65
N ALA B 117 -17.95 8.02 -12.55
CA ALA B 117 -18.76 9.10 -13.09
C ALA B 117 -18.45 10.44 -12.44
N SER B 118 -18.28 10.45 -11.11
CA SER B 118 -17.94 11.72 -10.44
C SER B 118 -16.58 12.26 -10.88
N ARG B 119 -15.65 11.36 -11.18
CA ARG B 119 -14.33 11.76 -11.67
C ARG B 119 -14.45 12.37 -13.06
N ALA B 120 -15.24 11.74 -13.93
CA ALA B 120 -15.49 12.28 -15.28
C ALA B 120 -16.17 13.64 -15.17
N ALA B 121 -17.10 13.75 -14.23
CA ALA B 121 -17.82 15.01 -13.98
C ALA B 121 -16.88 16.13 -13.55
N ALA B 122 -16.00 15.86 -12.59
CA ALA B 122 -14.97 16.82 -12.15
C ALA B 122 -14.12 17.31 -13.31
N ALA B 123 -13.72 16.40 -14.20
CA ALA B 123 -12.92 16.77 -15.38
C ALA B 123 -13.69 17.66 -16.35
N GLU B 124 -14.99 17.37 -16.53
CA GLU B 124 -15.83 18.17 -17.44
C GLU B 124 -15.95 19.59 -16.91
N LYS B 125 -16.00 19.71 -15.58
CA LYS B 125 -16.11 21.01 -14.89
C LYS B 125 -14.76 21.70 -14.76
N ASN B 126 -13.69 21.02 -15.17
CA ASN B 126 -12.30 21.47 -14.96
C ASN B 126 -12.00 21.84 -13.50
N VAL B 127 -12.47 21.01 -12.56
CA VAL B 127 -12.15 21.20 -11.13
C VAL B 127 -11.55 19.94 -10.52
N PRO B 128 -10.76 20.09 -9.43
CA PRO B 128 -10.27 18.91 -8.73
C PRO B 128 -11.48 18.14 -8.19
N LEU B 129 -11.32 16.83 -8.00
CA LEU B 129 -12.42 15.99 -7.53
C LEU B 129 -13.06 16.52 -6.25
N TYR B 130 -12.25 16.90 -5.26
CA TYR B 130 -12.80 17.40 -3.98
C TYR B 130 -13.73 18.61 -4.14
N LYS B 131 -13.43 19.47 -5.12
CA LYS B 131 -14.28 20.62 -5.39
C LYS B 131 -15.62 20.19 -5.96
N HIS B 132 -15.59 19.22 -6.87
CA HIS B 132 -16.84 18.71 -7.42
C HIS B 132 -17.64 18.01 -6.32
N LEU B 133 -16.95 17.30 -5.43
CA LEU B 133 -17.64 16.60 -4.35
C LEU B 133 -18.26 17.57 -3.36
N ALA B 134 -17.58 18.70 -3.10
CA ALA B 134 -18.16 19.79 -2.32
C ALA B 134 -19.44 20.34 -2.98
N ASP B 135 -19.43 20.47 -4.31
CA ASP B 135 -20.62 20.90 -5.07
C ASP B 135 -21.79 19.93 -4.89
N LEU B 136 -21.51 18.63 -5.05
CA LEU B 136 -22.53 17.59 -4.85
C LEU B 136 -23.09 17.57 -3.44
N SER B 137 -22.24 17.89 -2.45
CA SER B 137 -22.65 17.82 -1.05
CA SER B 137 -22.59 17.84 -1.03
C SER B 137 -23.17 19.15 -0.51
N LYS B 138 -23.05 20.20 -1.31
CA LYS B 138 -23.48 21.55 -0.92
C LYS B 138 -22.77 22.02 0.35
N SER B 139 -21.51 21.61 0.50
CA SER B 139 -20.73 21.96 1.68
C SER B 139 -20.14 23.36 1.52
N LYS B 140 -19.82 24.00 2.65
CA LYS B 140 -19.27 25.36 2.64
C LYS B 140 -17.83 25.31 2.11
N THR B 141 -17.46 26.28 1.27
CA THR B 141 -16.16 26.25 0.62
C THR B 141 -15.24 27.44 0.95
N SER B 142 -15.60 28.23 1.95
CA SER B 142 -14.70 29.30 2.38
C SER B 142 -14.60 29.43 3.90
N PRO B 143 -13.71 28.64 4.52
CA PRO B 143 -12.74 27.81 3.84
C PRO B 143 -13.23 26.37 3.62
N TYR B 144 -12.46 25.59 2.86
CA TYR B 144 -12.56 24.13 2.89
C TYR B 144 -11.92 23.67 4.21
N VAL B 145 -12.19 22.43 4.61
CA VAL B 145 -11.68 21.89 5.87
C VAL B 145 -10.93 20.57 5.67
N LEU B 146 -9.67 20.55 6.09
CA LEU B 146 -8.85 19.34 6.03
C LEU B 146 -9.09 18.53 7.31
N PRO B 147 -9.21 17.19 7.18
CA PRO B 147 -9.61 16.40 8.33
C PRO B 147 -8.49 16.09 9.32
N VAL B 148 -8.84 15.87 10.59
CA VAL B 148 -7.92 15.18 11.49
C VAL B 148 -7.88 13.71 11.09
N PRO B 149 -6.68 13.18 10.82
CA PRO B 149 -6.59 11.73 10.57
C PRO B 149 -6.62 10.92 11.85
N PHE B 150 -7.52 9.94 11.95
CA PHE B 150 -7.47 8.98 13.04
C PHE B 150 -6.64 7.78 12.58
N LEU B 151 -5.40 7.76 13.04
CA LEU B 151 -4.41 6.84 12.56
C LEU B 151 -4.39 5.60 13.41
N ASN B 152 -4.58 4.46 12.75
CA ASN B 152 -4.51 3.19 13.45
C ASN B 152 -3.07 2.99 13.90
N VAL B 153 -2.87 2.67 15.17
CA VAL B 153 -1.52 2.36 15.63
C VAL B 153 -1.44 0.94 16.16
N LEU B 154 -2.53 0.48 16.76
CA LEU B 154 -2.52 -0.78 17.50
C LEU B 154 -3.86 -1.49 17.44
N ASN B 155 -3.82 -2.79 17.17
CA ASN B 155 -5.01 -3.61 17.07
C ASN B 155 -5.07 -4.71 18.11
N GLY B 156 -6.27 -4.99 18.62
CA GLY B 156 -6.51 -6.15 19.46
C GLY B 156 -7.77 -6.83 18.98
N GLY B 157 -8.56 -7.35 19.91
CA GLY B 157 -9.78 -8.06 19.55
C GLY B 157 -9.48 -9.22 18.62
N SER B 158 -10.39 -9.47 17.67
CA SER B 158 -10.24 -10.55 16.70
C SER B 158 -9.08 -10.32 15.72
N HIS B 159 -8.43 -9.16 15.85
CA HIS B 159 -7.32 -8.80 14.96
C HIS B 159 -5.95 -9.04 15.60
N ALA B 160 -5.93 -9.85 16.67
CA ALA B 160 -4.68 -10.13 17.39
C ALA B 160 -4.79 -11.39 18.26
N GLY B 161 -3.64 -11.94 18.66
CA GLY B 161 -3.55 -12.92 19.73
C GLY B 161 -3.52 -12.15 21.04
N GLY B 162 -3.43 -12.86 22.17
CA GLY B 162 -3.52 -12.21 23.48
C GLY B 162 -4.97 -12.09 23.92
N ALA B 163 -5.21 -11.34 25.00
CA ALA B 163 -6.54 -11.24 25.61
C ALA B 163 -7.23 -9.88 25.38
N LEU B 164 -6.51 -8.93 24.78
CA LEU B 164 -7.09 -7.61 24.50
C LEU B 164 -8.38 -7.73 23.67
N ALA B 165 -9.51 -7.34 24.29
CA ALA B 165 -10.83 -7.46 23.67
C ALA B 165 -11.17 -6.35 22.66
N LEU B 166 -10.74 -5.13 22.96
CA LEU B 166 -11.02 -3.99 22.08
C LEU B 166 -10.21 -4.05 20.79
N GLN B 167 -10.80 -3.63 19.68
CA GLN B 167 -10.24 -3.93 18.38
C GLN B 167 -9.20 -2.94 17.88
N GLU B 168 -9.53 -1.65 17.90
CA GLU B 168 -8.66 -0.63 17.30
C GLU B 168 -8.31 0.48 18.25
N PHE B 169 -7.03 0.85 18.25
CA PHE B 169 -6.54 1.97 19.02
C PHE B 169 -5.96 2.91 17.99
N MET B 170 -6.45 4.14 17.99
CA MET B 170 -6.03 5.14 17.01
C MET B 170 -5.48 6.37 17.72
N ILE B 171 -4.59 7.09 17.03
CA ILE B 171 -4.18 8.42 17.51
C ILE B 171 -4.72 9.52 16.61
N ALA B 172 -5.11 10.63 17.23
CA ALA B 172 -5.69 11.76 16.51
C ALA B 172 -4.91 13.03 16.88
N PRO B 173 -4.07 13.54 15.95
CA PRO B 173 -3.25 14.73 16.19
C PRO B 173 -4.06 16.03 16.10
N THR B 174 -5.03 16.18 16.99
CA THR B 174 -5.90 17.34 17.01
C THR B 174 -5.13 18.64 17.30
N GLY B 175 -4.01 18.51 18.00
CA GLY B 175 -3.20 19.68 18.41
C GLY B 175 -2.33 20.30 17.33
N ALA B 176 -2.27 19.69 16.14
CA ALA B 176 -1.51 20.25 15.01
C ALA B 176 -2.18 21.50 14.41
N LYS B 177 -1.41 22.34 13.73
CA LYS B 177 -1.93 23.56 13.09
C LYS B 177 -2.28 23.36 11.60
N THR B 178 -1.76 22.31 10.99
CA THR B 178 -2.04 22.02 9.57
C THR B 178 -2.16 20.52 9.40
N PHE B 179 -2.71 20.08 8.27
CA PHE B 179 -2.76 18.66 8.01
C PHE B 179 -1.34 18.08 7.89
N ALA B 180 -0.44 18.82 7.24
CA ALA B 180 0.92 18.36 7.06
C ALA B 180 1.60 18.09 8.42
N GLU B 181 1.41 19.02 9.35
CA GLU B 181 2.01 18.88 10.67
C GLU B 181 1.40 17.69 11.39
N ALA B 182 0.09 17.51 11.23
CA ALA B 182 -0.66 16.41 11.88
C ALA B 182 -0.14 15.05 11.42
N LEU B 183 0.11 14.93 10.12
CA LEU B 183 0.64 13.68 9.59
C LEU B 183 2.07 13.43 10.01
N ARG B 184 2.91 14.47 10.01
CA ARG B 184 4.28 14.34 10.53
C ARG B 184 4.33 13.87 12.00
N ILE B 185 3.60 14.55 12.87
CA ILE B 185 3.67 14.22 14.28
C ILE B 185 3.03 12.87 14.55
N GLY B 186 1.94 12.56 13.84
CA GLY B 186 1.36 11.20 13.83
C GLY B 186 2.33 10.11 13.40
N SER B 187 3.09 10.33 12.32
CA SER B 187 4.09 9.33 11.90
C SER B 187 5.17 9.15 12.95
N GLU B 188 5.59 10.25 13.60
CA GLU B 188 6.59 10.16 14.66
C GLU B 188 6.07 9.36 15.83
N VAL B 189 4.82 9.56 16.20
CA VAL B 189 4.24 8.76 17.29
C VAL B 189 4.22 7.26 16.93
N TYR B 190 3.79 6.97 15.71
CA TYR B 190 3.74 5.60 15.20
C TYR B 190 5.12 4.91 15.20
N HIS B 191 6.15 5.59 14.70
CA HIS B 191 7.50 5.02 14.73
C HIS B 191 7.99 4.74 16.12
N ASN B 192 7.80 5.70 17.02
CA ASN B 192 8.11 5.47 18.43
C ASN B 192 7.36 4.27 19.03
N LEU B 193 6.07 4.16 18.69
CA LEU B 193 5.29 3.00 19.11
C LEU B 193 5.81 1.70 18.54
N LYS B 194 6.14 1.70 17.25
CA LYS B 194 6.72 0.50 16.64
C LYS B 194 8.02 0.09 17.34
N SER B 195 8.88 1.07 17.58
CA SER B 195 10.13 0.90 18.31
C SER B 195 9.90 0.32 19.74
N LEU B 196 9.04 0.97 20.53
CA LEU B 196 8.70 0.47 21.89
C LEU B 196 8.11 -0.93 21.85
N THR B 197 7.24 -1.18 20.87
CA THR B 197 6.58 -2.48 20.77
C THR B 197 7.56 -3.62 20.50
N LYS B 198 8.52 -3.38 19.63
CA LYS B 198 9.53 -4.38 19.30
C LYS B 198 10.47 -4.63 20.49
N LYS B 199 10.79 -3.58 21.23
CA LYS B 199 11.63 -3.69 22.42
C LYS B 199 10.92 -4.43 23.56
N ARG B 200 9.64 -4.12 23.78
CA ARG B 200 8.90 -4.68 24.91
C ARG B 200 8.29 -6.05 24.65
N TYR B 201 7.93 -6.32 23.40
CA TYR B 201 7.18 -7.54 23.04
C TYR B 201 7.90 -8.48 22.08
N GLY B 202 9.06 -8.06 21.60
CA GLY B 202 9.82 -8.85 20.63
C GLY B 202 9.65 -8.34 19.21
N ALA B 203 10.56 -8.72 18.33
CA ALA B 203 10.59 -8.23 16.94
C ALA B 203 9.35 -8.55 16.10
N SER B 204 8.75 -9.72 16.29
CA SER B 204 7.55 -10.09 15.52
C SER B 204 6.31 -9.23 15.85
N ALA B 205 6.26 -8.68 17.05
CA ALA B 205 5.15 -7.81 17.43
C ALA B 205 5.16 -6.50 16.63
N GLY B 206 6.24 -6.29 15.89
CA GLY B 206 6.40 -5.14 15.01
C GLY B 206 5.81 -5.33 13.62
N ASN B 207 5.47 -6.58 13.27
CA ASN B 207 4.74 -6.88 12.03
C ASN B 207 3.37 -6.21 12.06
N VAL B 208 2.90 -5.78 10.90
CA VAL B 208 1.69 -4.99 10.80
C VAL B 208 0.50 -5.80 10.31
N GLY B 209 -0.68 -5.43 10.82
CA GLY B 209 -1.91 -6.01 10.35
C GLY B 209 -2.41 -5.33 9.08
N ASP B 210 -3.62 -5.73 8.68
CA ASP B 210 -4.28 -5.24 7.45
C ASP B 210 -4.25 -3.73 7.23
N GLU B 211 -4.43 -2.96 8.32
CA GLU B 211 -4.52 -1.49 8.24
C GLU B 211 -3.23 -0.77 8.67
N GLY B 212 -2.18 -1.55 8.95
CA GLY B 212 -0.85 -1.01 9.25
C GLY B 212 -0.48 -0.82 10.71
N GLY B 213 -1.41 -1.08 11.63
CA GLY B 213 -1.11 -1.00 13.06
C GLY B 213 -0.34 -2.23 13.50
N VAL B 214 0.29 -2.17 14.67
CA VAL B 214 0.93 -3.35 15.28
C VAL B 214 -0.08 -4.14 16.08
N ALA B 215 0.24 -5.40 16.36
CA ALA B 215 -0.64 -6.30 17.07
C ALA B 215 0.18 -7.15 18.05
N PRO B 216 0.76 -6.52 19.10
CA PRO B 216 1.43 -7.34 20.09
C PRO B 216 0.41 -8.10 20.96
N ASN B 217 0.86 -9.15 21.63
CA ASN B 217 -0.04 -9.86 22.53
C ASN B 217 -0.18 -9.10 23.84
N ILE B 218 -1.27 -8.35 23.94
CA ILE B 218 -1.53 -7.45 25.04
C ILE B 218 -2.68 -8.00 25.90
N GLN B 219 -2.62 -7.75 27.20
CA GLN B 219 -3.61 -8.30 28.13
C GLN B 219 -4.84 -7.43 28.38
N THR B 220 -4.62 -6.12 28.50
CA THR B 220 -5.70 -5.21 28.86
C THR B 220 -5.70 -3.94 28.04
N ALA B 221 -6.86 -3.29 28.02
CA ALA B 221 -7.03 -1.97 27.44
C ALA B 221 -6.00 -1.01 28.02
N GLU B 222 -5.88 -1.00 29.35
CA GLU B 222 -4.93 -0.15 30.06
C GLU B 222 -3.48 -0.31 29.58
N GLU B 223 -3.05 -1.55 29.42
CA GLU B 223 -1.71 -1.86 28.92
C GLU B 223 -1.45 -1.30 27.52
N ALA B 224 -2.43 -1.44 26.64
CA ALA B 224 -2.36 -0.90 25.28
C ALA B 224 -2.27 0.62 25.32
N LEU B 225 -3.14 1.23 26.12
CA LEU B 225 -3.22 2.68 26.25
C LEU B 225 -2.00 3.28 26.91
N ASP B 226 -1.45 2.60 27.94
CA ASP B 226 -0.20 3.04 28.56
C ASP B 226 0.95 3.01 27.55
N LEU B 227 0.98 1.98 26.70
CA LEU B 227 1.96 1.88 25.61
C LEU B 227 1.84 3.03 24.59
N ILE B 228 0.61 3.37 24.20
CA ILE B 228 0.37 4.51 23.29
C ILE B 228 0.78 5.84 23.93
N VAL B 229 0.47 6.01 25.22
CA VAL B 229 0.88 7.24 25.93
C VAL B 229 2.40 7.40 25.97
N ASP B 230 3.11 6.30 26.23
CA ASP B 230 4.56 6.28 26.19
C ASP B 230 5.11 6.69 24.82
N ALA B 231 4.51 6.15 23.75
CA ALA B 231 4.90 6.52 22.39
C ALA B 231 4.71 8.01 22.10
N ILE B 232 3.59 8.57 22.56
CA ILE B 232 3.24 9.99 22.36
C ILE B 232 4.26 10.87 23.10
N LYS B 233 4.58 10.46 24.33
CA LYS B 233 5.57 11.16 25.12
C LYS B 233 6.98 11.03 24.55
N ALA B 234 7.35 9.84 24.08
CA ALA B 234 8.68 9.64 23.48
C ALA B 234 8.89 10.50 22.24
N ALA B 235 7.83 10.68 21.45
CA ALA B 235 7.89 11.52 20.26
C ALA B 235 7.87 13.01 20.59
N GLY B 236 7.50 13.33 21.83
CA GLY B 236 7.46 14.73 22.29
C GLY B 236 6.16 15.47 22.02
N HIS B 237 5.06 14.74 21.83
CA HIS B 237 3.79 15.35 21.43
C HIS B 237 2.65 15.24 22.43
N ASP B 238 3.02 15.04 23.70
CA ASP B 238 1.99 15.01 24.74
C ASP B 238 1.22 16.35 24.78
N GLY B 239 -0.11 16.23 24.82
CA GLY B 239 -0.99 17.41 24.75
C GLY B 239 -1.51 17.67 23.34
N LYS B 240 -0.83 17.12 22.34
CA LYS B 240 -1.22 17.40 20.96
C LYS B 240 -1.87 16.18 20.29
N ILE B 241 -1.74 15.02 20.92
CA ILE B 241 -2.24 13.77 20.36
C ILE B 241 -3.34 13.18 21.24
N LYS B 242 -4.50 12.96 20.64
CA LYS B 242 -5.61 12.33 21.33
C LYS B 242 -5.85 10.91 20.85
N ILE B 243 -6.78 10.20 21.48
CA ILE B 243 -6.96 8.76 21.23
C ILE B 243 -8.39 8.49 20.81
N GLY B 244 -8.52 7.65 19.79
CA GLY B 244 -9.82 7.13 19.39
C GLY B 244 -9.82 5.63 19.59
N LEU B 245 -10.96 5.09 20.04
CA LEU B 245 -11.10 3.66 20.17
C LEU B 245 -12.13 3.12 19.19
N ASP B 246 -11.88 1.91 18.66
CA ASP B 246 -12.97 1.10 18.12
C ASP B 246 -13.08 -0.20 18.91
N CYS B 247 -14.10 -0.26 19.75
CA CYS B 247 -14.33 -1.41 20.62
C CYS B 247 -14.74 -2.67 19.85
N ALA B 248 -15.42 -2.48 18.72
CA ALA B 248 -16.05 -3.56 17.93
C ALA B 248 -16.74 -4.58 18.84
N SER B 249 -17.58 -4.06 19.73
CA SER B 249 -18.15 -4.87 20.82
C SER B 249 -19.12 -5.95 20.37
N SER B 250 -19.62 -5.85 19.13
CA SER B 250 -20.40 -6.93 18.51
C SER B 250 -19.61 -8.25 18.45
N GLU B 251 -18.28 -8.14 18.42
CA GLU B 251 -17.43 -9.32 18.39
C GLU B 251 -17.43 -10.11 19.69
N PHE B 252 -17.73 -9.42 20.80
CA PHE B 252 -17.74 -10.06 22.10
C PHE B 252 -19.08 -10.01 22.84
N PHE B 253 -20.15 -9.88 22.06
CA PHE B 253 -21.53 -9.88 22.54
C PHE B 253 -22.13 -11.31 22.44
N LYS B 254 -22.38 -11.90 23.61
CA LYS B 254 -22.93 -13.26 23.70
C LYS B 254 -24.06 -13.20 24.72
N ASP B 255 -25.21 -13.75 24.36
CA ASP B 255 -26.45 -13.55 25.13
C ASP B 255 -26.81 -12.06 25.06
N GLY B 256 -27.09 -11.45 26.21
CA GLY B 256 -27.26 -10.00 26.29
C GLY B 256 -26.04 -9.38 26.95
N LYS B 257 -24.94 -10.14 26.94
CA LYS B 257 -23.78 -9.78 27.74
C LYS B 257 -22.49 -9.65 26.95
N TYR B 258 -21.55 -8.92 27.53
CA TYR B 258 -20.29 -8.61 26.90
C TYR B 258 -19.15 -9.37 27.56
N ASP B 259 -18.56 -10.26 26.78
CA ASP B 259 -17.48 -11.12 27.26
C ASP B 259 -16.11 -10.54 26.89
N LEU B 260 -15.51 -9.82 27.83
CA LEU B 260 -14.20 -9.18 27.61
C LEU B 260 -13.04 -10.18 27.55
N ASP B 261 -13.36 -11.47 27.64
CA ASP B 261 -12.36 -12.52 27.60
C ASP B 261 -12.73 -13.52 26.51
N PHE B 262 -13.36 -13.00 25.45
CA PHE B 262 -13.93 -13.84 24.38
C PHE B 262 -12.92 -14.70 23.60
N LYS B 263 -11.66 -14.31 23.61
CA LYS B 263 -10.62 -15.08 22.91
C LYS B 263 -10.20 -16.34 23.70
N ASN B 264 -10.56 -16.37 24.98
CA ASN B 264 -10.38 -17.52 25.85
C ASN B 264 -11.56 -18.48 25.70
N PRO B 265 -11.31 -19.68 25.13
CA PRO B 265 -12.37 -20.65 24.84
C PRO B 265 -13.05 -21.22 26.09
N ASN B 266 -12.34 -21.22 27.21
CA ASN B 266 -12.91 -21.58 28.51
C ASN B 266 -13.23 -20.33 29.32
N SER B 267 -13.65 -19.27 28.62
CA SER B 267 -14.02 -17.99 29.23
C SER B 267 -15.13 -18.14 30.25
N ASP B 268 -14.98 -17.45 31.38
CA ASP B 268 -15.91 -17.57 32.49
C ASP B 268 -17.15 -16.69 32.33
N LYS B 269 -18.21 -17.29 31.78
CA LYS B 269 -19.54 -16.69 31.82
C LYS B 269 -19.82 -16.36 33.28
N SER B 270 -20.50 -15.24 33.54
CA SER B 270 -20.70 -14.75 34.91
C SER B 270 -19.63 -13.74 35.31
N LYS B 271 -18.54 -13.71 34.54
CA LYS B 271 -17.61 -12.56 34.57
C LYS B 271 -17.96 -11.62 33.41
N TRP B 272 -18.84 -12.10 32.53
CA TRP B 272 -19.38 -11.30 31.42
C TRP B 272 -20.16 -10.09 31.93
N LEU B 273 -20.10 -8.99 31.19
CA LEU B 273 -20.68 -7.72 31.67
C LEU B 273 -21.96 -7.35 30.95
N THR B 274 -22.87 -6.74 31.70
CA THR B 274 -24.04 -6.08 31.15
C THR B 274 -23.60 -4.75 30.52
N GLY B 275 -24.49 -4.16 29.74
CA GLY B 275 -24.33 -2.79 29.22
C GLY B 275 -23.74 -1.79 30.20
N PRO B 276 -24.45 -1.50 31.32
CA PRO B 276 -24.02 -0.51 32.33
C PRO B 276 -22.66 -0.80 32.96
N GLN B 277 -22.36 -2.08 33.21
CA GLN B 277 -21.04 -2.52 33.68
C GLN B 277 -19.94 -2.24 32.65
N LEU B 278 -20.23 -2.51 31.39
CA LEU B 278 -19.29 -2.22 30.33
C LEU B 278 -19.08 -0.71 30.24
N ALA B 279 -20.17 0.05 30.38
CA ALA B 279 -20.11 1.50 30.39
C ALA B 279 -19.20 2.07 31.50
N ASP B 280 -19.14 1.36 32.63
CA ASP B 280 -18.27 1.77 33.76
C ASP B 280 -16.80 1.65 33.37
N LEU B 281 -16.44 0.56 32.70
CA LEU B 281 -15.11 0.38 32.16
C LEU B 281 -14.71 1.51 31.20
N TYR B 282 -15.57 1.85 30.24
CA TYR B 282 -15.29 2.95 29.33
C TYR B 282 -15.08 4.26 30.08
N HIS B 283 -15.95 4.53 31.04
CA HIS B 283 -15.83 5.70 31.90
C HIS B 283 -14.49 5.77 32.63
N SER B 284 -14.02 4.63 33.16
CA SER B 284 -12.73 4.60 33.86
C SER B 284 -11.57 4.83 32.87
N LEU B 285 -11.67 4.28 31.67
CA LEU B 285 -10.70 4.59 30.61
C LEU B 285 -10.72 6.09 30.28
N MET B 286 -11.91 6.66 30.12
CA MET B 286 -12.02 8.08 29.74
C MET B 286 -11.35 9.03 30.75
N LYS B 287 -11.46 8.69 32.04
CA LYS B 287 -10.83 9.49 33.09
C LYS B 287 -9.30 9.43 33.06
N ARG B 288 -8.75 8.30 32.64
CA ARG B 288 -7.30 8.08 32.68
C ARG B 288 -6.51 8.42 31.40
N TYR B 289 -7.21 8.50 30.26
CA TYR B 289 -6.58 8.69 28.95
C TYR B 289 -7.31 9.74 28.11
N PRO B 290 -6.57 10.43 27.21
CA PRO B 290 -7.16 11.48 26.38
C PRO B 290 -7.95 10.89 25.20
N ILE B 291 -8.98 10.10 25.52
CA ILE B 291 -9.86 9.51 24.54
C ILE B 291 -10.93 10.53 24.14
N VAL B 292 -10.98 10.87 22.86
CA VAL B 292 -11.96 11.84 22.33
C VAL B 292 -13.05 11.18 21.45
N SER B 293 -12.94 9.88 21.22
CA SER B 293 -13.85 9.16 20.31
C SER B 293 -13.88 7.67 20.61
N ILE B 294 -15.07 7.08 20.68
CA ILE B 294 -15.23 5.65 20.92
C ILE B 294 -16.24 5.13 19.91
N GLU B 295 -15.82 4.13 19.14
CA GLU B 295 -16.64 3.55 18.11
C GLU B 295 -17.19 2.20 18.60
N ASP B 296 -18.46 1.92 18.29
CA ASP B 296 -19.13 0.66 18.63
C ASP B 296 -18.91 0.18 20.08
N PRO B 297 -19.19 1.05 21.05
CA PRO B 297 -19.06 0.67 22.46
C PRO B 297 -19.98 -0.51 22.86
N PHE B 298 -21.10 -0.66 22.16
CA PHE B 298 -22.09 -1.70 22.43
C PHE B 298 -22.48 -2.34 21.12
N ALA B 299 -23.17 -3.48 21.22
CA ALA B 299 -23.42 -4.35 20.07
C ALA B 299 -24.41 -3.73 19.08
N GLU B 300 -24.36 -4.24 17.86
CA GLU B 300 -25.05 -3.70 16.71
C GLU B 300 -26.56 -3.57 16.86
N ASP B 301 -27.16 -4.32 17.78
CA ASP B 301 -28.61 -4.21 18.03
C ASP B 301 -28.97 -3.90 19.47
N ASP B 302 -27.96 -3.60 20.30
CA ASP B 302 -28.19 -3.34 21.72
C ASP B 302 -28.49 -1.86 21.92
N TRP B 303 -29.57 -1.40 21.27
CA TRP B 303 -29.96 0.01 21.23
C TRP B 303 -30.05 0.67 22.60
N GLU B 304 -30.56 -0.06 23.57
CA GLU B 304 -30.79 0.50 24.91
C GLU B 304 -29.49 0.88 25.62
N ALA B 305 -28.46 0.04 25.46
CA ALA B 305 -27.13 0.29 25.99
C ALA B 305 -26.49 1.52 25.35
N TRP B 306 -26.59 1.62 24.03
CA TRP B 306 -26.06 2.79 23.31
C TRP B 306 -26.71 4.06 23.83
N SER B 307 -28.04 4.06 23.86
CA SER B 307 -28.81 5.24 24.27
C SER B 307 -28.49 5.65 25.70
N HIS B 308 -28.41 4.64 26.58
CA HIS B 308 -28.08 4.84 27.99
C HIS B 308 -26.69 5.47 28.19
N PHE B 309 -25.68 4.87 27.55
CA PHE B 309 -24.32 5.41 27.57
C PHE B 309 -24.24 6.84 27.04
N PHE B 310 -24.89 7.10 25.91
CA PHE B 310 -24.78 8.39 25.28
C PHE B 310 -25.16 9.56 26.18
N LYS B 311 -26.12 9.34 27.08
CA LYS B 311 -26.58 10.40 27.99
C LYS B 311 -25.43 11.08 28.72
N THR B 312 -24.41 10.32 29.10
CA THR B 312 -23.34 10.86 29.95
C THR B 312 -21.93 10.65 29.38
N ALA B 313 -21.83 10.08 28.17
CA ALA B 313 -20.54 9.87 27.51
C ALA B 313 -19.74 11.17 27.44
N GLY B 314 -20.30 12.21 26.84
CA GLY B 314 -19.63 13.51 26.73
C GLY B 314 -18.46 13.58 25.76
N ILE B 315 -18.21 12.49 25.03
CA ILE B 315 -17.24 12.51 23.91
C ILE B 315 -17.88 11.94 22.65
N GLN B 316 -17.20 12.04 21.50
CA GLN B 316 -17.73 11.49 20.25
C GLN B 316 -18.00 9.98 20.35
N ILE B 317 -19.22 9.59 20.02
CA ILE B 317 -19.59 8.19 19.95
C ILE B 317 -19.96 7.89 18.50
N VAL B 318 -19.16 7.00 17.91
CA VAL B 318 -19.22 6.66 16.49
C VAL B 318 -19.95 5.34 16.28
N ALA B 319 -20.93 5.37 15.38
CA ALA B 319 -21.69 4.21 14.97
C ALA B 319 -21.03 3.60 13.72
N ASP B 320 -20.68 2.32 13.80
CA ASP B 320 -20.14 1.58 12.65
C ASP B 320 -21.05 0.39 12.36
N ARG B 321 -20.89 -0.69 13.13
CA ARG B 321 -21.73 -1.88 13.00
C ARG B 321 -23.22 -1.59 13.29
N LEU B 322 -23.47 -0.63 14.18
CA LEU B 322 -24.84 -0.21 14.51
C LEU B 322 -25.61 0.35 13.30
N THR B 323 -24.92 1.13 12.47
CA THR B 323 -25.58 1.83 11.38
C THR B 323 -25.33 1.21 9.99
N VAL B 324 -24.19 0.54 9.84
CA VAL B 324 -23.69 0.04 8.53
C VAL B 324 -24.02 0.94 7.33
N THR B 325 -23.79 2.25 7.50
CA THR B 325 -24.03 3.27 6.47
C THR B 325 -25.42 3.09 5.82
N ASN B 326 -26.39 2.65 6.63
CA ASN B 326 -27.74 2.33 6.18
C ASN B 326 -28.69 3.43 6.65
N PRO B 327 -29.37 4.09 5.68
CA PRO B 327 -30.15 5.29 5.97
C PRO B 327 -31.22 5.07 7.04
N LYS B 328 -31.90 3.93 6.98
CA LYS B 328 -32.91 3.56 7.99
C LYS B 328 -32.29 3.36 9.38
N ARG B 329 -31.13 2.69 9.45
CA ARG B 329 -30.44 2.49 10.74
C ARG B 329 -29.98 3.82 11.33
N ILE B 330 -29.47 4.69 10.47
CA ILE B 330 -29.02 6.03 10.84
C ILE B 330 -30.15 6.87 11.42
N ALA B 331 -31.28 6.87 10.74
CA ALA B 331 -32.48 7.58 11.22
C ALA B 331 -32.89 7.10 12.61
N THR B 332 -32.85 5.79 12.81
CA THR B 332 -33.18 5.16 14.09
C THR B 332 -32.18 5.58 15.16
N ALA B 333 -30.89 5.53 14.82
CA ALA B 333 -29.83 5.91 15.73
C ALA B 333 -29.94 7.38 16.13
N ILE B 334 -30.33 8.21 15.17
CA ILE B 334 -30.57 9.63 15.42
C ILE B 334 -31.74 9.83 16.39
N GLU B 335 -32.87 9.19 16.10
CA GLU B 335 -34.07 9.30 16.94
C GLU B 335 -33.84 8.78 18.38
N LYS B 336 -33.17 7.64 18.50
CA LYS B 336 -32.86 7.03 19.79
C LYS B 336 -31.72 7.72 20.56
N LYS B 337 -31.10 8.72 19.94
CA LYS B 337 -29.92 9.38 20.48
C LYS B 337 -28.89 8.34 20.97
N ALA B 338 -28.56 7.40 20.08
CA ALA B 338 -27.64 6.30 20.40
C ALA B 338 -26.16 6.70 20.33
N ALA B 339 -25.88 7.70 19.51
CA ALA B 339 -24.51 8.06 19.13
C ALA B 339 -24.52 9.47 18.59
N ASP B 340 -23.35 10.00 18.22
CA ASP B 340 -23.33 11.32 17.56
C ASP B 340 -22.32 11.44 16.41
N ALA B 341 -21.86 10.31 15.90
CA ALA B 341 -21.04 10.35 14.67
C ALA B 341 -21.27 9.09 13.84
N LEU B 342 -21.28 9.29 12.53
CA LEU B 342 -21.41 8.18 11.58
C LEU B 342 -20.05 7.78 10.99
N LEU B 343 -19.72 6.49 11.05
CA LEU B 343 -18.63 5.96 10.26
C LEU B 343 -19.19 5.67 8.86
N LEU B 344 -18.69 6.42 7.88
CA LEU B 344 -19.25 6.41 6.54
C LEU B 344 -18.38 5.57 5.62
N LYS B 345 -18.88 4.39 5.23
CA LYS B 345 -18.21 3.51 4.28
C LYS B 345 -19.00 3.51 2.97
N VAL B 346 -18.45 4.17 1.96
CA VAL B 346 -19.18 4.36 0.70
C VAL B 346 -19.63 3.03 0.09
N ASN B 347 -18.79 2.00 0.17
CA ASN B 347 -19.14 0.72 -0.44
C ASN B 347 -20.14 -0.11 0.38
N GLN B 348 -20.45 0.35 1.59
CA GLN B 348 -21.45 -0.30 2.45
C GLN B 348 -22.87 0.10 2.05
N ILE B 349 -22.99 1.24 1.36
CA ILE B 349 -24.27 1.70 0.82
C ILE B 349 -24.32 1.53 -0.71
N GLY B 350 -23.19 1.77 -1.40
CA GLY B 350 -23.06 1.34 -2.81
C GLY B 350 -23.08 2.42 -3.88
N THR B 351 -23.45 3.65 -3.52
CA THR B 351 -23.40 4.79 -4.44
C THR B 351 -22.92 6.05 -3.73
N LEU B 352 -22.32 6.94 -4.49
CA LEU B 352 -21.90 8.24 -3.99
C LEU B 352 -23.07 9.10 -3.47
N SER B 353 -24.15 9.22 -4.25
CA SER B 353 -25.35 10.00 -3.85
C SER B 353 -25.90 9.57 -2.50
N GLU B 354 -26.07 8.26 -2.32
CA GLU B 354 -26.57 7.77 -1.06
C GLU B 354 -25.58 8.03 0.09
N SER B 355 -24.27 7.98 -0.22
CA SER B 355 -23.22 8.24 0.79
C SER B 355 -23.28 9.67 1.26
N ILE B 356 -23.40 10.57 0.28
CA ILE B 356 -23.53 12.00 0.51
C ILE B 356 -24.80 12.31 1.30
N LYS B 357 -25.93 11.72 0.89
CA LYS B 357 -27.19 11.85 1.61
C LYS B 357 -27.11 11.37 3.06
N ALA B 358 -26.46 10.23 3.30
CA ALA B 358 -26.26 9.75 4.68
C ALA B 358 -25.47 10.73 5.54
N ALA B 359 -24.39 11.28 4.98
CA ALA B 359 -23.61 12.34 5.61
C ALA B 359 -24.44 13.58 5.92
N GLN B 360 -25.24 14.02 4.94
CA GLN B 360 -26.06 15.23 5.08
C GLN B 360 -27.10 15.05 6.19
N ASP B 361 -27.74 13.88 6.22
CA ASP B 361 -28.68 13.56 7.30
C ASP B 361 -28.03 13.53 8.68
N SER B 362 -26.78 13.05 8.74
CA SER B 362 -26.00 13.03 9.99
C SER B 362 -25.72 14.47 10.44
N PHE B 363 -25.13 15.27 9.55
CA PHE B 363 -24.88 16.69 9.81
C PHE B 363 -26.15 17.44 10.24
N ALA B 364 -27.28 17.16 9.59
CA ALA B 364 -28.54 17.81 9.94
C ALA B 364 -28.98 17.53 11.37
N ALA B 365 -28.61 16.35 11.87
CA ALA B 365 -28.92 15.95 13.24
C ALA B 365 -27.87 16.41 14.27
N GLY B 366 -26.87 17.16 13.80
CA GLY B 366 -25.78 17.60 14.65
C GLY B 366 -24.72 16.54 14.92
N TRP B 367 -24.78 15.44 14.16
CA TRP B 367 -23.77 14.38 14.21
C TRP B 367 -22.51 14.81 13.44
N GLY B 368 -21.38 14.19 13.78
CA GLY B 368 -20.20 14.24 12.93
C GLY B 368 -20.20 13.08 11.95
N VAL B 369 -19.23 13.09 11.04
CA VAL B 369 -19.08 12.02 10.06
C VAL B 369 -17.61 11.69 9.95
N MET B 370 -17.25 10.44 10.24
CA MET B 370 -15.88 9.96 10.04
C MET B 370 -15.84 9.12 8.77
N VAL B 371 -15.25 9.66 7.71
CA VAL B 371 -15.10 8.95 6.46
C VAL B 371 -14.13 7.79 6.70
N SER B 372 -14.47 6.61 6.19
CA SER B 372 -13.77 5.42 6.62
C SER B 372 -13.23 4.59 5.46
N HIS B 373 -12.03 4.06 5.64
CA HIS B 373 -11.49 3.01 4.76
C HIS B 373 -12.16 1.63 5.01
N ARG B 374 -11.71 0.62 4.27
CA ARG B 374 -12.08 -0.77 4.51
C ARG B 374 -10.80 -1.58 4.76
N SER B 375 -10.96 -2.78 5.30
CA SER B 375 -9.82 -3.67 5.58
CA SER B 375 -9.82 -3.65 5.59
C SER B 375 -9.03 -3.98 4.33
N GLY B 376 -9.75 -4.30 3.25
CA GLY B 376 -9.16 -4.51 1.93
C GLY B 376 -9.29 -3.22 1.13
N GLU B 377 -8.23 -2.41 1.13
CA GLU B 377 -8.23 -1.15 0.38
C GLU B 377 -7.48 -1.26 -0.93
N THR B 378 -7.34 -0.12 -1.61
CA THR B 378 -6.67 -0.08 -2.90
C THR B 378 -5.84 1.20 -2.99
N GLU B 379 -5.09 1.34 -4.08
CA GLU B 379 -4.32 2.57 -4.35
C GLU B 379 -5.22 3.79 -4.71
N ASP B 380 -6.53 3.56 -4.83
CA ASP B 380 -7.50 4.62 -5.17
C ASP B 380 -7.59 5.62 -4.02
N THR B 381 -7.61 6.90 -4.34
CA THR B 381 -7.54 7.93 -3.29
C THR B 381 -8.88 8.64 -3.08
N PHE B 382 -9.97 8.03 -3.56
CA PHE B 382 -11.27 8.72 -3.60
C PHE B 382 -11.71 9.29 -2.25
N ILE B 383 -11.53 8.49 -1.19
CA ILE B 383 -12.03 8.92 0.13
C ILE B 383 -11.32 10.14 0.71
N ALA B 384 -10.09 10.39 0.26
CA ALA B 384 -9.38 11.64 0.59
C ALA B 384 -10.13 12.84 0.00
N ASP B 385 -10.41 12.81 -1.30
CA ASP B 385 -11.25 13.85 -1.90
C ASP B 385 -12.66 13.92 -1.29
N LEU B 386 -13.25 12.77 -0.96
CA LEU B 386 -14.60 12.76 -0.34
C LEU B 386 -14.64 13.47 1.01
N VAL B 387 -13.69 13.14 1.89
CA VAL B 387 -13.71 13.75 3.24
C VAL B 387 -13.58 15.26 3.15
N VAL B 388 -12.77 15.73 2.22
CA VAL B 388 -12.63 17.17 1.96
C VAL B 388 -13.93 17.75 1.38
N GLY B 389 -14.49 17.09 0.35
CA GLY B 389 -15.77 17.50 -0.23
C GLY B 389 -16.92 17.56 0.77
N LEU B 390 -16.96 16.61 1.67
CA LEU B 390 -18.01 16.55 2.70
C LEU B 390 -17.74 17.48 3.88
N ARG B 391 -16.54 18.04 3.97
CA ARG B 391 -16.13 18.98 5.03
C ARG B 391 -16.30 18.36 6.43
N THR B 392 -15.97 17.09 6.58
CA THR B 392 -16.32 16.42 7.85
C THR B 392 -15.37 16.69 9.01
N GLY B 393 -14.08 16.93 8.71
CA GLY B 393 -13.09 17.20 9.76
C GLY B 393 -12.37 15.97 10.29
N GLN B 394 -12.80 14.79 9.84
CA GLN B 394 -12.24 13.55 10.38
C GLN B 394 -12.27 12.39 9.39
N ILE B 395 -11.12 11.74 9.26
CA ILE B 395 -11.01 10.56 8.41
C ILE B 395 -10.29 9.46 9.15
N LYS B 396 -10.73 8.23 8.90
CA LYS B 396 -10.07 7.05 9.44
C LYS B 396 -9.66 6.24 8.21
N THR B 397 -8.37 6.24 7.90
CA THR B 397 -7.91 5.62 6.67
C THR B 397 -6.62 4.80 6.87
N GLY B 398 -6.34 4.44 8.12
CA GLY B 398 -5.23 3.54 8.43
C GLY B 398 -4.09 4.15 9.20
N ALA B 399 -3.11 3.30 9.52
CA ALA B 399 -1.87 3.74 10.10
C ALA B 399 -1.10 4.49 9.02
N PRO B 400 -0.03 5.23 9.42
CA PRO B 400 0.88 5.79 8.43
C PRO B 400 1.89 4.73 7.93
N ALA B 401 1.35 3.59 7.51
CA ALA B 401 2.11 2.47 6.95
C ALA B 401 1.17 1.70 6.03
N ARG B 402 1.76 1.13 4.97
CA ARG B 402 1.08 0.49 3.81
C ARG B 402 0.46 1.56 2.92
N SER B 403 0.79 1.53 1.63
CA SER B 403 0.43 2.63 0.74
C SER B 403 -1.06 2.72 0.33
N GLU B 404 -1.84 1.65 0.53
CA GLU B 404 -3.30 1.82 0.41
C GLU B 404 -3.82 2.80 1.45
N ARG B 405 -3.06 2.96 2.54
CA ARG B 405 -3.39 3.94 3.59
C ARG B 405 -2.71 5.29 3.27
N LEU B 406 -1.40 5.25 3.01
CA LEU B 406 -0.64 6.46 2.66
C LEU B 406 -1.10 7.15 1.40
N ALA B 407 -1.64 6.40 0.45
CA ALA B 407 -2.17 7.03 -0.78
C ALA B 407 -3.18 8.12 -0.41
N LYS B 408 -4.06 7.82 0.55
CA LYS B 408 -5.08 8.78 0.98
C LYS B 408 -4.46 9.96 1.72
N LEU B 409 -3.53 9.64 2.62
CA LEU B 409 -2.89 10.62 3.48
C LEU B 409 -2.03 11.56 2.63
N ASN B 410 -1.33 11.00 1.66
CA ASN B 410 -0.57 11.78 0.68
C ASN B 410 -1.48 12.69 -0.14
N GLN B 411 -2.64 12.15 -0.55
CA GLN B 411 -3.56 12.93 -1.36
C GLN B 411 -4.07 14.12 -0.54
N LEU B 412 -4.30 13.90 0.75
CA LEU B 412 -4.67 15.00 1.65
C LEU B 412 -3.57 16.09 1.75
N LEU B 413 -2.31 15.69 1.83
CA LEU B 413 -1.17 16.63 1.75
C LEU B 413 -1.25 17.50 0.49
N ARG B 414 -1.48 16.85 -0.67
CA ARG B 414 -1.58 17.53 -1.95
C ARG B 414 -2.79 18.48 -1.97
N ILE B 415 -3.92 18.01 -1.46
CA ILE B 415 -5.11 18.83 -1.45
C ILE B 415 -4.87 20.05 -0.58
N GLU B 416 -4.26 19.85 0.59
CA GLU B 416 -3.96 20.98 1.47
C GLU B 416 -3.06 22.03 0.79
N GLU B 417 -2.05 21.56 0.10
CA GLU B 417 -1.08 22.44 -0.56
C GLU B 417 -1.78 23.24 -1.64
N GLU B 418 -2.60 22.56 -2.42
CA GLU B 418 -3.34 23.20 -3.50
C GLU B 418 -4.26 24.31 -2.99
N LEU B 419 -5.03 24.00 -1.94
CA LEU B 419 -5.98 24.93 -1.37
C LEU B 419 -5.34 26.13 -0.67
N GLY B 420 -4.18 25.92 -0.04
CA GLY B 420 -3.47 27.02 0.63
C GLY B 420 -4.36 27.71 1.63
N ASP B 421 -4.47 29.05 1.51
CA ASP B 421 -5.28 29.85 2.42
C ASP B 421 -6.79 29.63 2.32
N ASN B 422 -7.22 28.84 1.34
CA ASN B 422 -8.64 28.47 1.15
C ASN B 422 -9.06 27.28 2.02
N ALA B 423 -8.14 26.78 2.84
CA ALA B 423 -8.45 25.64 3.68
C ALA B 423 -7.91 25.83 5.09
N VAL B 424 -8.59 25.21 6.05
CA VAL B 424 -8.09 25.16 7.42
C VAL B 424 -8.08 23.71 7.89
N PHE B 425 -7.21 23.41 8.85
CA PHE B 425 -7.16 22.09 9.49
C PHE B 425 -8.23 22.02 10.60
N ALA B 426 -8.97 20.91 10.70
CA ALA B 426 -10.06 20.86 11.67
C ALA B 426 -9.58 20.91 13.11
N GLY B 427 -8.40 20.34 13.39
CA GLY B 427 -7.84 20.31 14.73
C GLY B 427 -8.80 19.82 15.80
N GLU B 428 -8.91 20.59 16.88
CA GLU B 428 -9.79 20.26 17.99
C GLU B 428 -11.28 20.32 17.61
N ASN B 429 -11.60 20.88 16.45
CA ASN B 429 -13.00 21.04 16.03
C ASN B 429 -13.47 19.92 15.09
N PHE B 430 -12.74 18.81 15.11
CA PHE B 430 -12.99 17.69 14.18
C PHE B 430 -14.45 17.19 14.14
N HIS B 431 -15.07 17.13 15.31
CA HIS B 431 -16.43 16.60 15.46
C HIS B 431 -17.46 17.34 14.61
N HIS B 432 -17.39 18.68 14.63
CA HIS B 432 -18.28 19.52 13.83
C HIS B 432 -17.51 20.19 12.70
N GLY B 433 -16.70 19.41 12.00
CA GLY B 433 -15.91 19.93 10.88
C GLY B 433 -16.77 20.68 9.88
N ASP B 434 -17.97 20.17 9.66
CA ASP B 434 -18.89 20.71 8.65
C ASP B 434 -19.41 22.11 8.97
N LYS B 435 -19.40 22.46 10.26
CA LYS B 435 -19.97 23.71 10.78
C LYS B 435 -18.89 24.71 11.17
N LEU B 436 -17.63 24.28 11.04
CA LEU B 436 -16.47 25.10 11.37
C LEU B 436 -16.40 26.35 10.49
N LEU B 437 -16.08 27.49 11.09
CA LEU B 437 -15.92 28.70 10.28
C LEU B 437 -14.50 29.29 10.32
N HIS B 438 -14.27 30.28 9.45
MG MG C . 18.24 -7.60 -2.32
C1 PEP D . 16.37 -5.95 -1.67
O1 PEP D . 16.33 -6.47 -2.80
O2' PEP D . 17.30 -6.12 -0.84
C2 PEP D . 15.23 -5.08 -1.26
C3 PEP D . 14.03 -5.18 -1.85
O2 PEP D . 15.40 -4.33 -0.05
P PEP D . 15.88 -2.82 0.00
O1P PEP D . 15.83 -2.48 1.47
O2P PEP D . 14.87 -2.06 -0.82
O3P PEP D . 17.24 -2.76 -0.63
MG MG E . 8.40 1.69 -30.06
MG MG F . 23.06 21.69 -0.45
MG MG G . -15.53 -0.50 13.65
C1 PEP H . -13.82 -0.40 11.69
O1 PEP H . -14.12 -1.53 12.09
O2' PEP H . -13.61 0.53 12.47
C2 PEP H . -13.70 -0.17 10.21
C3 PEP H . -13.13 0.95 9.68
O2 PEP H . -14.09 -1.25 9.38
P PEP H . -13.06 -2.41 9.03
O1P PEP H . -13.73 -3.17 7.91
O2P PEP H . -12.96 -3.23 10.29
O3P PEP H . -11.81 -1.66 8.62
MG MG I . -17.92 24.67 -5.60
#